data_3K96
#
_entry.id   3K96
#
_cell.length_a   85.272
_cell.length_b   88.452
_cell.length_c   97.289
_cell.angle_alpha   90.00
_cell.angle_beta   90.00
_cell.angle_gamma   90.00
#
_symmetry.space_group_name_H-M   'P 21 21 21'
#
loop_
_entity.id
_entity.type
_entity.pdbx_description
1 polymer 'Glycerol-3-phosphate dehydrogenase [NAD(P)+]'
2 non-polymer '4-(2-HYDROXYETHYL)-1-PIPERAZINE ETHANESULFONIC ACID'
3 non-polymer BETA-MERCAPTOETHANOL
4 water water
#
_entity_poly.entity_id   1
_entity_poly.type   'polypeptide(L)'
_entity_poly.pdbx_seq_one_letter_code
;MHHHHHHSSGVDLGTENLYFQSNAMEPFKHPIAILGAGSWGTALALVLARKGQKVRLWSYESDHVDEMQAEGVNNRYLPN
YPFPETLKAYCDLKASLEGVTDILIVVPSFAFHEVITRMKPLIDAKTRIAWGTKGLAKGSRLLHEVVATELGQVPMAVIS
GPSLATEVAANLPTAVSLASNNSQFSKDLIERLHGQRFRVYKNDDMIGVELCGSVKNILAIATGISDGLKLGSNARAALI
TRGLTEMGRLVSVFGGKQETLTGLAGLGDLVLTCTDNQSRNRRFGLALGEGVDKKEAQQAIGQAIEGLYNTDQVHALAQK
HAIEMPLTFQVHRILHEDLDPQQAVQELLERSPKAE
;
_entity_poly.pdbx_strand_id   A,B
#
# COMPACT_ATOMS: atom_id res chain seq x y z
N PRO A 27 9.89 35.44 10.72
CA PRO A 27 10.69 34.35 10.15
C PRO A 27 10.58 34.23 8.63
N PHE A 28 9.58 34.89 8.03
CA PHE A 28 9.40 34.83 6.58
C PHE A 28 9.50 36.21 5.97
N LYS A 29 10.48 36.99 6.41
CA LYS A 29 10.70 38.30 5.82
C LYS A 29 11.17 38.11 4.37
N HIS A 30 12.10 37.19 4.19
CA HIS A 30 12.66 36.96 2.87
C HIS A 30 11.83 36.05 1.99
N PRO A 31 11.88 36.27 0.67
CA PRO A 31 11.15 35.40 -0.23
C PRO A 31 11.83 34.06 -0.38
N ILE A 32 11.07 33.03 -0.70
CA ILE A 32 11.65 31.72 -0.97
C ILE A 32 11.51 31.52 -2.46
N ALA A 33 12.51 30.91 -3.09
CA ALA A 33 12.45 30.65 -4.52
C ALA A 33 12.16 29.17 -4.77
N ILE A 34 11.21 28.92 -5.67
CA ILE A 34 10.90 27.56 -6.10
C ILE A 34 11.27 27.42 -7.58
N LEU A 35 12.25 26.56 -7.85
CA LEU A 35 12.76 26.32 -9.18
C LEU A 35 12.08 25.08 -9.75
N GLY A 36 11.23 25.27 -10.75
CA GLY A 36 10.44 24.18 -11.36
C GLY A 36 8.96 24.51 -11.22
N ALA A 37 8.33 24.86 -12.34
CA ALA A 37 6.94 25.25 -12.32
C ALA A 37 6.03 24.17 -12.85
N GLY A 38 6.36 22.91 -12.54
CA GLY A 38 5.49 21.79 -12.89
C GLY A 38 4.33 21.82 -11.88
N SER A 39 3.51 20.78 -11.92
N SER A 39 3.49 20.79 -11.91
CA SER A 39 2.35 20.67 -11.01
CA SER A 39 2.34 20.73 -11.00
C SER A 39 2.76 20.74 -9.56
C SER A 39 2.76 20.75 -9.53
N TRP A 40 3.72 19.89 -9.18
CA TRP A 40 4.15 19.81 -7.80
C TRP A 40 4.83 21.11 -7.34
N GLY A 41 5.76 21.62 -8.13
CA GLY A 41 6.42 22.91 -7.75
C GLY A 41 5.42 24.02 -7.53
N THR A 42 4.41 24.10 -8.40
CA THR A 42 3.40 25.12 -8.32
C THR A 42 2.49 24.92 -7.09
N ALA A 43 2.16 23.66 -6.80
CA ALA A 43 1.32 23.35 -5.64
C ALA A 43 2.04 23.76 -4.34
N LEU A 44 3.33 23.46 -4.25
CA LEU A 44 4.12 23.86 -3.08
C LEU A 44 4.15 25.40 -2.98
N ALA A 45 4.24 26.06 -4.13
CA ALA A 45 4.26 27.52 -4.16
C ALA A 45 2.96 28.09 -3.63
N LEU A 46 1.85 27.40 -3.91
CA LEU A 46 0.54 27.82 -3.44
C LEU A 46 0.41 27.61 -1.95
N VAL A 47 0.85 26.46 -1.46
CA VAL A 47 0.78 26.21 -0.03
C VAL A 47 1.43 27.35 0.75
N LEU A 48 2.62 27.76 0.33
CA LEU A 48 3.34 28.84 1.01
C LEU A 48 2.73 30.21 0.75
N ALA A 49 2.46 30.53 -0.51
CA ALA A 49 1.94 31.86 -0.86
C ALA A 49 0.57 32.12 -0.20
N ARG A 50 -0.24 31.07 -0.07
CA ARG A 50 -1.54 31.21 0.59
C ARG A 50 -1.44 31.61 2.05
N LYS A 51 -0.32 31.32 2.68
CA LYS A 51 -0.14 31.68 4.08
C LYS A 51 0.43 33.11 4.17
N GLY A 52 0.65 33.74 3.02
CA GLY A 52 1.12 35.12 2.99
C GLY A 52 2.62 35.26 2.77
N GLN A 53 3.33 34.13 2.71
CA GLN A 53 4.77 34.16 2.46
C GLN A 53 5.01 34.59 1.02
N LYS A 54 6.09 35.34 0.81
CA LYS A 54 6.46 35.75 -0.53
C LYS A 54 7.13 34.59 -1.22
N VAL A 55 6.67 34.29 -2.43
CA VAL A 55 7.23 33.19 -3.17
C VAL A 55 7.54 33.57 -4.60
N ARG A 56 8.70 33.12 -5.07
CA ARG A 56 9.11 33.33 -6.45
C ARG A 56 9.20 31.96 -7.14
N LEU A 57 8.44 31.82 -8.19
CA LEU A 57 8.38 30.58 -8.94
C LEU A 57 9.05 30.75 -10.29
N TRP A 58 10.08 29.95 -10.55
CA TRP A 58 10.83 30.01 -11.80
C TRP A 58 10.61 28.76 -12.65
N SER A 59 10.55 29.00 -13.96
CA SER A 59 10.42 27.95 -14.93
C SER A 59 11.45 28.17 -16.00
N TYR A 60 12.05 27.09 -16.49
CA TYR A 60 13.02 27.18 -17.57
C TYR A 60 12.37 27.24 -18.98
N GLU A 61 11.07 26.94 -19.07
CA GLU A 61 10.30 27.04 -20.32
C GLU A 61 9.86 28.54 -20.38
N SER A 62 10.60 29.39 -21.12
CA SER A 62 10.35 30.88 -21.14
C SER A 62 8.94 31.41 -21.55
N ASP A 63 8.34 30.74 -22.53
N ASP A 63 8.31 30.76 -22.53
CA ASP A 63 7.00 31.08 -22.97
CA ASP A 63 6.96 31.16 -22.93
C ASP A 63 6.03 30.79 -21.82
C ASP A 63 6.02 30.84 -21.77
N HIS A 64 6.43 29.89 -20.92
CA HIS A 64 5.62 29.50 -19.77
C HIS A 64 5.49 30.63 -18.74
N VAL A 65 6.60 31.31 -18.44
CA VAL A 65 6.56 32.43 -17.49
C VAL A 65 5.67 33.57 -18.02
N ASP A 66 5.74 33.82 -19.31
CA ASP A 66 4.87 34.84 -19.94
C ASP A 66 3.38 34.50 -19.69
N GLU A 67 3.05 33.23 -19.89
CA GLU A 67 1.69 32.74 -19.66
C GLU A 67 1.26 33.00 -18.23
N MET A 68 2.10 32.62 -17.26
CA MET A 68 1.78 32.83 -15.85
C MET A 68 1.70 34.31 -15.46
N GLN A 69 2.62 35.12 -15.96
CA GLN A 69 2.60 36.56 -15.64
C GLN A 69 1.33 37.20 -16.17
N ALA A 70 0.97 36.86 -17.40
CA ALA A 70 -0.25 37.40 -18.01
C ALA A 70 -1.52 36.90 -17.32
N GLU A 71 -1.58 35.60 -17.03
CA GLU A 71 -2.82 35.00 -16.50
C GLU A 71 -2.99 34.87 -14.98
N GLY A 72 -1.90 34.84 -14.23
CA GLY A 72 -2.04 34.72 -12.79
C GLY A 72 -2.45 33.31 -12.40
N VAL A 73 -2.03 32.34 -13.18
CA VAL A 73 -2.32 30.95 -12.92
C VAL A 73 -1.35 30.13 -13.75
N ASN A 74 -1.22 28.85 -13.44
CA ASN A 74 -0.36 27.99 -14.20
C ASN A 74 -1.24 27.08 -14.99
N ASN A 75 -1.66 27.55 -16.17
CA ASN A 75 -2.54 26.76 -17.01
C ASN A 75 -1.90 25.53 -17.59
N ARG A 76 -0.61 25.56 -17.89
CA ARG A 76 0.00 24.35 -18.44
C ARG A 76 0.01 23.20 -17.50
N TYR A 77 0.24 23.44 -16.21
CA TYR A 77 0.42 22.33 -15.27
C TYR A 77 -0.48 22.29 -14.04
N LEU A 78 -1.16 23.36 -13.70
CA LEU A 78 -2.06 23.34 -12.55
C LEU A 78 -3.18 24.35 -12.78
N PRO A 79 -4.00 24.12 -13.83
CA PRO A 79 -5.09 25.03 -14.14
C PRO A 79 -6.13 25.01 -13.04
N ASN A 80 -6.87 26.12 -12.94
CA ASN A 80 -7.96 26.31 -11.98
C ASN A 80 -7.55 26.73 -10.57
N TYR A 81 -6.28 27.02 -10.35
CA TYR A 81 -5.80 27.46 -9.04
C TYR A 81 -5.00 28.76 -9.18
N PRO A 82 -5.70 29.92 -9.21
CA PRO A 82 -5.07 31.24 -9.35
C PRO A 82 -4.05 31.54 -8.27
N PHE A 83 -3.03 32.27 -8.64
CA PHE A 83 -1.99 32.65 -7.71
C PHE A 83 -2.45 33.73 -6.73
N PRO A 84 -2.05 33.62 -5.46
CA PRO A 84 -2.29 34.71 -4.54
C PRO A 84 -1.33 35.86 -4.92
N GLU A 85 -1.55 37.05 -4.40
CA GLU A 85 -0.71 38.20 -4.75
C GLU A 85 0.79 37.97 -4.40
N THR A 86 1.08 37.19 -3.37
CA THR A 86 2.46 36.96 -2.92
C THR A 86 3.26 35.95 -3.76
N LEU A 87 2.61 35.35 -4.76
CA LEU A 87 3.25 34.39 -5.63
C LEU A 87 3.49 35.02 -7.00
N LYS A 88 4.77 35.06 -7.39
CA LYS A 88 5.19 35.66 -8.66
C LYS A 88 6.09 34.75 -9.45
N ALA A 89 5.83 34.65 -10.75
CA ALA A 89 6.66 33.86 -11.65
C ALA A 89 7.81 34.71 -12.21
N TYR A 90 8.98 34.09 -12.34
CA TYR A 90 10.17 34.75 -12.88
C TYR A 90 10.70 33.84 -13.97
N CYS A 91 11.26 34.40 -15.05
CA CYS A 91 11.85 33.53 -16.07
C CYS A 91 13.37 33.60 -15.99
N ASP A 92 13.90 34.55 -15.23
CA ASP A 92 15.36 34.68 -15.09
C ASP A 92 15.83 34.06 -13.78
N LEU A 93 16.73 33.08 -13.89
CA LEU A 93 17.22 32.38 -12.72
C LEU A 93 17.92 33.31 -11.77
N LYS A 94 18.86 34.09 -12.32
CA LYS A 94 19.62 35.04 -11.51
C LYS A 94 18.68 35.98 -10.77
N ALA A 95 17.72 36.56 -11.49
CA ALA A 95 16.77 37.50 -10.89
C ALA A 95 15.93 36.82 -9.82
N SER A 96 15.57 35.57 -10.03
CA SER A 96 14.73 34.88 -9.06
C SER A 96 15.48 34.64 -7.75
N LEU A 97 16.80 34.46 -7.84
CA LEU A 97 17.62 34.20 -6.67
C LEU A 97 18.24 35.46 -6.04
N GLU A 98 18.09 36.62 -6.66
CA GLU A 98 18.64 37.86 -6.09
C GLU A 98 17.81 38.24 -4.86
N GLY A 99 18.45 38.32 -3.70
CA GLY A 99 17.75 38.65 -2.44
C GLY A 99 17.10 37.42 -1.80
N VAL A 100 17.40 36.24 -2.31
CA VAL A 100 16.84 35.00 -1.81
C VAL A 100 17.97 34.07 -1.41
N THR A 101 17.88 33.43 -0.25
CA THR A 101 18.91 32.46 0.12
C THR A 101 18.37 31.04 0.31
N ASP A 102 17.05 30.89 0.47
CA ASP A 102 16.39 29.57 0.61
C ASP A 102 15.76 29.20 -0.71
N ILE A 103 16.19 28.07 -1.26
CA ILE A 103 15.76 27.61 -2.57
C ILE A 103 15.19 26.19 -2.52
N LEU A 104 14.05 26.00 -3.18
CA LEU A 104 13.36 24.71 -3.22
C LEU A 104 13.24 24.25 -4.68
N ILE A 105 14.02 23.25 -5.04
CA ILE A 105 14.06 22.76 -6.41
C ILE A 105 13.05 21.63 -6.62
N VAL A 106 12.22 21.76 -7.65
CA VAL A 106 11.19 20.78 -7.95
C VAL A 106 11.10 20.52 -9.47
N VAL A 107 12.23 20.27 -10.10
CA VAL A 107 12.26 19.95 -11.51
C VAL A 107 12.36 18.41 -11.69
N PRO A 108 12.11 17.92 -12.89
CA PRO A 108 12.28 16.47 -13.02
C PRO A 108 13.72 16.03 -12.74
N SER A 109 13.89 14.76 -12.36
CA SER A 109 15.22 14.24 -12.06
C SER A 109 16.19 14.37 -13.24
N PHE A 110 15.68 14.25 -14.46
CA PHE A 110 16.53 14.36 -15.63
C PHE A 110 16.96 15.80 -15.91
N ALA A 111 16.40 16.78 -15.20
CA ALA A 111 16.84 18.18 -15.37
C ALA A 111 17.57 18.72 -14.14
N PHE A 112 17.69 17.92 -13.08
CA PHE A 112 18.30 18.37 -11.83
C PHE A 112 19.73 18.82 -12.05
N HIS A 113 20.53 17.96 -12.67
N HIS A 113 20.51 17.98 -12.73
CA HIS A 113 21.92 18.31 -12.95
CA HIS A 113 21.93 18.29 -12.99
C HIS A 113 22.05 19.68 -13.64
C HIS A 113 22.15 19.61 -13.74
N GLU A 114 21.29 19.86 -14.72
N GLU A 114 21.28 19.94 -14.68
CA GLU A 114 21.31 21.12 -15.47
CA GLU A 114 21.46 21.19 -15.42
C GLU A 114 21.05 22.34 -14.59
C GLU A 114 21.04 22.40 -14.59
N VAL A 115 20.04 22.24 -13.74
CA VAL A 115 19.65 23.34 -12.86
C VAL A 115 20.77 23.61 -11.84
N ILE A 116 21.30 22.56 -11.22
CA ILE A 116 22.39 22.74 -10.25
C ILE A 116 23.59 23.41 -10.93
N THR A 117 23.92 22.98 -12.14
CA THR A 117 25.03 23.55 -12.87
C THR A 117 24.85 25.08 -13.03
N ARG A 118 23.65 25.48 -13.42
CA ARG A 118 23.30 26.86 -13.66
C ARG A 118 23.23 27.69 -12.39
N MET A 119 23.10 27.03 -11.25
CA MET A 119 23.08 27.73 -9.99
C MET A 119 24.48 28.05 -9.49
N LYS A 120 25.52 27.43 -10.05
CA LYS A 120 26.88 27.65 -9.52
C LYS A 120 27.29 29.10 -9.29
N PRO A 121 27.08 29.98 -10.28
CA PRO A 121 27.49 31.37 -10.08
C PRO A 121 26.56 32.16 -9.21
N LEU A 122 25.49 31.54 -8.71
CA LEU A 122 24.49 32.24 -7.95
C LEU A 122 24.45 31.89 -6.46
N ILE A 123 25.27 30.95 -6.04
CA ILE A 123 25.26 30.54 -4.64
C ILE A 123 25.96 31.57 -3.74
N ASP A 124 25.44 31.79 -2.53
CA ASP A 124 26.14 32.69 -1.60
C ASP A 124 26.43 31.96 -0.29
N ALA A 125 27.07 32.70 0.61
CA ALA A 125 27.52 32.18 1.88
C ALA A 125 26.47 31.52 2.74
N LYS A 126 25.22 31.95 2.68
CA LYS A 126 24.18 31.33 3.51
C LYS A 126 23.07 30.61 2.72
N THR A 127 23.34 30.31 1.47
CA THR A 127 22.37 29.62 0.65
C THR A 127 22.05 28.24 1.22
N ARG A 128 20.75 27.92 1.24
CA ARG A 128 20.27 26.61 1.68
C ARG A 128 19.40 26.07 0.56
N ILE A 129 19.56 24.78 0.28
CA ILE A 129 18.90 24.15 -0.84
C ILE A 129 18.05 22.94 -0.45
N ALA A 130 16.78 23.02 -0.76
CA ALA A 130 15.86 21.91 -0.51
C ALA A 130 15.34 21.48 -1.85
N TRP A 131 14.86 20.24 -1.96
CA TRP A 131 14.27 19.77 -3.21
C TRP A 131 13.09 18.81 -2.98
N GLY A 132 12.18 18.84 -3.95
CA GLY A 132 11.01 17.96 -4.00
C GLY A 132 11.18 16.97 -5.13
N THR A 133 12.26 17.13 -5.91
CA THR A 133 12.59 16.21 -7.01
C THR A 133 12.80 14.80 -6.46
N LYS A 134 12.39 13.79 -7.23
CA LYS A 134 12.55 12.36 -6.84
C LYS A 134 13.22 11.65 -8.01
N GLY A 135 14.25 10.88 -7.72
CA GLY A 135 14.99 10.17 -8.73
C GLY A 135 16.48 10.53 -8.70
N LEU A 136 17.29 9.65 -9.24
CA LEU A 136 18.71 9.90 -9.32
C LEU A 136 19.00 10.89 -10.44
N ALA A 137 20.07 11.66 -10.31
CA ALA A 137 20.45 12.61 -11.35
C ALA A 137 21.39 11.94 -12.34
N LYS A 138 21.71 12.66 -13.40
CA LYS A 138 22.64 12.22 -14.43
C LYS A 138 23.87 11.54 -13.81
N GLY A 139 24.20 10.35 -14.29
CA GLY A 139 25.34 9.59 -13.75
C GLY A 139 24.96 8.73 -12.55
N SER A 140 23.66 8.49 -12.38
CA SER A 140 23.17 7.73 -11.25
C SER A 140 23.59 8.37 -9.94
N ARG A 141 23.49 9.70 -9.85
CA ARG A 141 23.91 10.41 -8.65
C ARG A 141 22.76 10.75 -7.71
N LEU A 142 22.97 10.53 -6.41
CA LEU A 142 22.00 10.91 -5.42
C LEU A 142 21.93 12.43 -5.47
N LEU A 143 20.73 12.97 -5.28
CA LEU A 143 20.54 14.39 -5.40
C LEU A 143 21.33 15.17 -4.39
N HIS A 144 21.45 14.70 -3.15
CA HIS A 144 22.22 15.47 -2.14
C HIS A 144 23.69 15.51 -2.51
N GLU A 145 24.16 14.46 -3.19
CA GLU A 145 25.54 14.41 -3.62
C GLU A 145 25.78 15.41 -4.75
N VAL A 146 24.84 15.54 -5.67
CA VAL A 146 24.99 16.51 -6.73
C VAL A 146 25.01 17.90 -6.09
N VAL A 147 24.10 18.15 -5.15
CA VAL A 147 24.06 19.44 -4.51
C VAL A 147 25.38 19.71 -3.74
N ALA A 148 25.78 18.77 -2.88
CA ALA A 148 26.99 18.95 -2.07
C ALA A 148 28.28 19.06 -2.90
N THR A 149 28.47 18.13 -3.84
CA THR A 149 29.65 18.15 -4.69
C THR A 149 29.78 19.38 -5.57
N GLU A 150 28.70 19.80 -6.21
CA GLU A 150 28.75 20.93 -7.11
C GLU A 150 28.62 22.32 -6.49
N LEU A 151 27.83 22.46 -5.42
CA LEU A 151 27.59 23.77 -4.80
C LEU A 151 28.25 23.92 -3.43
N GLY A 152 28.86 22.85 -2.92
CA GLY A 152 29.47 22.91 -1.61
C GLY A 152 28.49 22.32 -0.61
N GLN A 153 29.02 22.01 0.56
CA GLN A 153 28.26 21.42 1.64
C GLN A 153 27.34 22.39 2.36
N VAL A 154 26.32 22.83 1.64
CA VAL A 154 25.35 23.74 2.16
C VAL A 154 24.26 23.01 2.95
N PRO A 155 23.51 23.72 3.77
CA PRO A 155 22.39 23.06 4.40
C PRO A 155 21.41 22.52 3.31
N MET A 156 20.99 21.26 3.45
CA MET A 156 20.17 20.59 2.46
C MET A 156 18.97 19.90 3.08
N ALA A 157 17.93 19.69 2.28
CA ALA A 157 16.73 19.00 2.76
C ALA A 157 15.94 18.43 1.59
N VAL A 158 15.22 17.34 1.87
CA VAL A 158 14.36 16.69 0.89
C VAL A 158 12.98 16.57 1.47
N ILE A 159 11.97 16.90 0.67
N ILE A 159 11.98 16.90 0.65
CA ILE A 159 10.59 16.77 1.08
CA ILE A 159 10.58 16.79 0.99
C ILE A 159 9.99 15.72 0.13
C ILE A 159 10.03 15.68 0.11
N SER A 160 9.39 14.68 0.73
CA SER A 160 8.88 13.56 -0.03
C SER A 160 7.78 12.81 0.69
N GLY A 161 6.72 12.48 -0.04
CA GLY A 161 5.61 11.73 0.52
C GLY A 161 4.50 11.53 -0.50
N PRO A 162 3.38 10.89 -0.08
CA PRO A 162 2.25 10.73 -0.99
C PRO A 162 1.61 12.09 -1.16
N SER A 163 1.82 12.71 -2.29
CA SER A 163 1.32 14.06 -2.46
C SER A 163 0.95 14.45 -3.88
N LEU A 164 -0.20 13.99 -4.37
CA LEU A 164 -0.67 14.40 -5.69
C LEU A 164 -0.78 15.92 -5.68
N ALA A 165 -0.23 16.57 -6.68
CA ALA A 165 -0.22 18.04 -6.73
C ALA A 165 -1.62 18.64 -6.75
N THR A 166 -2.53 18.03 -7.51
CA THR A 166 -3.91 18.51 -7.62
C THR A 166 -4.65 18.50 -6.28
N GLU A 167 -4.42 17.46 -5.47
CA GLU A 167 -5.10 17.35 -4.15
C GLU A 167 -4.53 18.37 -3.14
N VAL A 168 -3.24 18.63 -3.25
CA VAL A 168 -2.60 19.63 -2.39
C VAL A 168 -3.19 21.00 -2.77
N ALA A 169 -3.28 21.31 -4.06
CA ALA A 169 -3.85 22.60 -4.50
C ALA A 169 -5.28 22.75 -4.01
N ALA A 170 -6.01 21.63 -3.94
CA ALA A 170 -7.39 21.64 -3.47
C ALA A 170 -7.46 21.67 -1.97
N ASN A 171 -6.33 21.65 -1.31
CA ASN A 171 -6.27 21.71 0.15
C ASN A 171 -6.85 20.47 0.84
N LEU A 172 -6.73 19.32 0.20
CA LEU A 172 -7.13 18.04 0.80
C LEU A 172 -5.98 17.56 1.72
N PRO A 173 -6.30 16.84 2.82
CA PRO A 173 -5.28 16.40 3.78
C PRO A 173 -4.15 15.62 3.14
N THR A 174 -2.93 16.06 3.43
CA THR A 174 -1.74 15.51 2.86
C THR A 174 -0.67 15.45 3.93
N ALA A 175 0.17 14.40 3.87
CA ALA A 175 1.28 14.25 4.81
C ALA A 175 2.53 13.86 4.06
N VAL A 176 3.64 14.55 4.33
CA VAL A 176 4.92 14.28 3.69
C VAL A 176 6.04 14.29 4.72
N SER A 177 7.16 13.68 4.37
CA SER A 177 8.33 13.67 5.25
C SER A 177 9.28 14.76 4.79
N LEU A 178 10.08 15.26 5.74
CA LEU A 178 11.11 16.23 5.42
C LEU A 178 12.38 15.85 6.18
N ALA A 179 13.41 15.49 5.41
CA ALA A 179 14.72 15.11 5.94
C ALA A 179 15.76 16.14 5.55
N SER A 180 16.65 16.43 6.49
CA SER A 180 17.66 17.42 6.32
C SER A 180 18.98 17.05 6.97
N ASN A 181 20.06 17.65 6.49
CA ASN A 181 21.36 17.47 7.11
C ASN A 181 21.66 18.67 8.05
N ASN A 182 20.66 19.52 8.28
CA ASN A 182 20.85 20.71 9.14
C ASN A 182 19.61 20.94 10.01
N SER A 183 19.76 20.90 11.33
N SER A 183 19.78 20.92 11.32
CA SER A 183 18.61 21.06 12.22
CA SER A 183 18.67 21.07 12.25
C SER A 183 17.92 22.42 12.10
C SER A 183 17.94 22.41 12.15
N GLN A 184 18.68 23.48 11.90
CA GLN A 184 18.08 24.80 11.77
C GLN A 184 17.25 24.87 10.46
N PHE A 185 17.74 24.23 9.40
CA PHE A 185 17.03 24.29 8.11
C PHE A 185 15.75 23.50 8.20
N SER A 186 15.82 22.33 8.82
CA SER A 186 14.64 21.54 9.02
C SER A 186 13.57 22.36 9.75
N LYS A 187 13.97 22.99 10.84
CA LYS A 187 13.06 23.80 11.65
C LYS A 187 12.40 24.90 10.81
N ASP A 188 13.22 25.63 10.07
CA ASP A 188 12.72 26.71 9.25
C ASP A 188 11.76 26.21 8.16
N LEU A 189 12.09 25.11 7.50
CA LEU A 189 11.21 24.61 6.44
C LEU A 189 9.89 24.10 6.99
N ILE A 190 9.92 23.36 8.07
CA ILE A 190 8.70 22.83 8.68
C ILE A 190 7.85 24.01 9.12
N GLU A 191 8.49 24.99 9.73
CA GLU A 191 7.75 26.18 10.14
C GLU A 191 7.03 26.83 8.95
N ARG A 192 7.69 26.94 7.79
CA ARG A 192 7.04 27.53 6.62
C ARG A 192 5.91 26.70 6.01
N LEU A 193 6.10 25.38 5.96
CA LEU A 193 5.20 24.46 5.26
C LEU A 193 4.12 23.79 6.06
N HIS A 194 4.48 23.37 7.27
CA HIS A 194 3.57 22.66 8.11
C HIS A 194 2.32 23.44 8.44
N GLY A 195 1.19 22.77 8.36
CA GLY A 195 -0.06 23.40 8.66
C GLY A 195 -1.20 22.41 8.66
N GLN A 196 -2.35 22.89 9.07
N GLN A 196 -2.37 22.92 9.01
CA GLN A 196 -3.58 22.12 9.16
CA GLN A 196 -3.62 22.16 9.06
C GLN A 196 -3.78 20.93 8.17
C GLN A 196 -3.74 20.94 8.15
N ARG A 197 -3.95 21.20 6.87
CA ARG A 197 -4.18 20.14 5.88
C ARG A 197 -2.93 19.65 5.17
N PHE A 198 -1.84 20.39 5.25
CA PHE A 198 -0.57 19.99 4.64
C PHE A 198 0.42 19.83 5.78
N ARG A 199 0.66 18.58 6.14
CA ARG A 199 1.48 18.28 7.29
C ARG A 199 2.83 17.70 6.92
N VAL A 200 3.87 18.20 7.58
CA VAL A 200 5.25 17.85 7.28
C VAL A 200 5.90 17.31 8.51
N TYR A 201 6.39 16.08 8.42
CA TYR A 201 6.98 15.42 9.55
C TYR A 201 8.49 15.23 9.39
N LYS A 202 9.23 15.63 10.42
CA LYS A 202 10.66 15.52 10.49
C LYS A 202 11.07 14.07 10.33
N ASN A 203 12.12 13.85 9.55
CA ASN A 203 12.67 12.54 9.32
C ASN A 203 14.19 12.73 9.31
N ASP A 204 14.88 11.79 9.93
CA ASP A 204 16.31 11.84 10.12
C ASP A 204 17.12 11.10 9.03
N ASP A 205 16.48 10.67 7.96
CA ASP A 205 17.16 9.82 7.00
C ASP A 205 17.07 10.32 5.58
N MET A 206 17.83 11.36 5.28
CA MET A 206 17.80 11.94 3.95
C MET A 206 18.12 10.89 2.86
N ILE A 207 19.12 10.08 3.08
CA ILE A 207 19.49 9.12 2.06
C ILE A 207 18.39 8.08 1.81
N GLY A 208 17.75 7.60 2.85
CA GLY A 208 16.68 6.63 2.70
C GLY A 208 15.51 7.24 1.97
N VAL A 209 15.16 8.48 2.32
CA VAL A 209 14.07 9.19 1.70
C VAL A 209 14.34 9.36 0.20
N GLU A 210 15.55 9.74 -0.15
CA GLU A 210 15.92 9.91 -1.54
C GLU A 210 15.82 8.62 -2.33
N LEU A 211 16.40 7.57 -1.80
CA LEU A 211 16.41 6.31 -2.50
C LEU A 211 15.00 5.71 -2.67
N CYS A 212 14.15 5.88 -1.67
CA CYS A 212 12.77 5.40 -1.77
C CYS A 212 12.09 6.12 -2.92
N GLY A 213 12.28 7.44 -2.95
CA GLY A 213 11.69 8.24 -4.00
C GLY A 213 12.26 7.94 -5.37
N SER A 214 13.48 7.43 -5.44
CA SER A 214 14.07 7.20 -6.76
C SER A 214 13.63 5.85 -7.35
N VAL A 215 12.94 5.04 -6.56
CA VAL A 215 12.48 3.73 -7.02
C VAL A 215 10.95 3.62 -7.22
N LYS A 216 10.16 4.46 -6.54
CA LYS A 216 8.71 4.29 -6.59
C LYS A 216 8.08 4.35 -7.98
N ASN A 217 8.58 5.21 -8.86
CA ASN A 217 8.01 5.34 -10.20
C ASN A 217 8.32 4.15 -11.11
N ILE A 218 9.43 3.49 -10.83
CA ILE A 218 9.81 2.28 -11.52
C ILE A 218 8.77 1.22 -11.15
N LEU A 219 8.44 1.16 -9.87
CA LEU A 219 7.45 0.18 -9.39
C LEU A 219 6.05 0.52 -9.92
N ALA A 220 5.78 1.82 -10.09
CA ALA A 220 4.51 2.27 -10.67
C ALA A 220 4.38 1.77 -12.09
N ILE A 221 5.49 1.77 -12.84
CA ILE A 221 5.45 1.25 -14.20
C ILE A 221 5.18 -0.24 -14.14
N ALA A 222 5.88 -0.95 -13.27
CA ALA A 222 5.72 -2.40 -13.13
C ALA A 222 4.28 -2.77 -12.77
N THR A 223 3.72 -2.13 -11.75
CA THR A 223 2.36 -2.43 -11.36
C THR A 223 1.37 -1.97 -12.44
N GLY A 224 1.73 -0.91 -13.16
CA GLY A 224 0.88 -0.45 -14.25
C GLY A 224 0.77 -1.52 -15.33
N ILE A 225 1.92 -2.15 -15.63
CA ILE A 225 1.98 -3.19 -16.64
C ILE A 225 1.07 -4.37 -16.27
N SER A 226 1.17 -4.81 -15.02
CA SER A 226 0.32 -5.90 -14.50
C SER A 226 -1.17 -5.54 -14.65
N ASP A 227 -1.52 -4.30 -14.32
CA ASP A 227 -2.91 -3.88 -14.47
C ASP A 227 -3.32 -3.83 -15.94
N GLY A 228 -2.41 -3.40 -16.80
CA GLY A 228 -2.66 -3.33 -18.22
C GLY A 228 -2.91 -4.73 -18.75
N LEU A 229 -2.24 -5.70 -18.17
CA LEU A 229 -2.45 -7.10 -18.54
C LEU A 229 -3.67 -7.65 -17.80
N LYS A 230 -4.33 -6.81 -16.98
CA LYS A 230 -5.52 -7.22 -16.22
C LYS A 230 -5.22 -8.41 -15.33
N LEU A 231 -4.04 -8.44 -14.73
CA LEU A 231 -3.66 -9.57 -13.87
C LEU A 231 -4.37 -9.50 -12.51
N GLY A 232 -5.06 -8.39 -12.26
CA GLY A 232 -5.84 -8.21 -11.02
C GLY A 232 -5.18 -7.54 -9.81
N SER A 233 -6.01 -7.22 -8.82
CA SER A 233 -5.60 -6.55 -7.61
C SER A 233 -4.73 -7.36 -6.68
N ASN A 234 -4.93 -8.68 -6.62
CA ASN A 234 -4.10 -9.54 -5.79
C ASN A 234 -2.66 -9.50 -6.30
N ALA A 235 -2.50 -9.64 -7.62
CA ALA A 235 -1.17 -9.62 -8.23
C ALA A 235 -0.51 -8.24 -8.03
N ARG A 236 -1.29 -7.17 -8.10
CA ARG A 236 -0.71 -5.84 -7.89
C ARG A 236 -0.20 -5.72 -6.47
N ALA A 237 -0.94 -6.21 -5.49
CA ALA A 237 -0.51 -6.11 -4.09
C ALA A 237 0.76 -6.92 -3.87
N ALA A 238 0.84 -8.10 -4.49
CA ALA A 238 2.02 -8.94 -4.37
C ALA A 238 3.25 -8.20 -4.98
N LEU A 239 3.06 -7.53 -6.11
CA LEU A 239 4.14 -6.76 -6.74
C LEU A 239 4.53 -5.53 -5.91
N ILE A 240 3.57 -4.89 -5.27
CA ILE A 240 3.90 -3.75 -4.39
C ILE A 240 4.76 -4.28 -3.21
N THR A 241 4.36 -5.43 -2.67
CA THR A 241 5.09 -6.03 -1.58
C THR A 241 6.52 -6.34 -2.03
N ARG A 242 6.69 -6.93 -3.21
CA ARG A 242 8.04 -7.23 -3.70
C ARG A 242 8.80 -5.97 -3.99
N GLY A 243 8.10 -4.96 -4.47
CA GLY A 243 8.71 -3.69 -4.75
C GLY A 243 9.36 -3.09 -3.52
N LEU A 244 8.63 -3.10 -2.41
CA LEU A 244 9.15 -2.53 -1.17
C LEU A 244 10.41 -3.29 -0.74
N THR A 245 10.43 -4.62 -0.96
CA THR A 245 11.64 -5.40 -0.63
C THR A 245 12.89 -4.93 -1.36
N GLU A 246 12.81 -4.67 -2.67
CA GLU A 246 14.03 -4.20 -3.37
C GLU A 246 14.34 -2.75 -3.04
N MET A 247 13.29 -1.97 -2.78
CA MET A 247 13.49 -0.58 -2.37
C MET A 247 14.29 -0.64 -1.04
N GLY A 248 13.92 -1.55 -0.15
CA GLY A 248 14.59 -1.70 1.15
C GLY A 248 16.05 -2.11 1.02
N ARG A 249 16.32 -2.98 0.05
CA ARG A 249 17.69 -3.45 -0.20
C ARG A 249 18.58 -2.28 -0.64
N LEU A 250 18.09 -1.48 -1.57
CA LEU A 250 18.81 -0.34 -2.03
C LEU A 250 19.07 0.66 -0.88
N VAL A 251 18.02 0.94 -0.13
CA VAL A 251 18.11 1.82 1.01
C VAL A 251 19.15 1.28 1.99
N SER A 252 19.05 -0.01 2.28
CA SER A 252 19.95 -0.64 3.25
C SER A 252 21.41 -0.54 2.87
N VAL A 253 21.70 -0.81 1.60
CA VAL A 253 23.06 -0.74 1.07
C VAL A 253 23.68 0.66 1.15
N PHE A 254 22.86 1.71 1.08
CA PHE A 254 23.40 3.06 1.21
C PHE A 254 23.29 3.65 2.64
N GLY A 255 22.89 2.83 3.61
CA GLY A 255 22.79 3.31 4.99
C GLY A 255 21.50 3.99 5.42
N GLY A 256 20.46 3.91 4.60
CA GLY A 256 19.16 4.48 4.96
C GLY A 256 18.51 3.63 6.05
N LYS A 257 17.32 4.00 6.50
CA LYS A 257 16.64 3.29 7.60
C LYS A 257 15.35 2.59 7.19
N GLN A 258 15.02 1.46 7.83
CA GLN A 258 13.76 0.73 7.52
C GLN A 258 12.55 1.58 7.93
N GLU A 259 12.71 2.36 8.98
N GLU A 259 12.69 2.39 8.97
CA GLU A 259 11.64 3.24 9.44
CA GLU A 259 11.58 3.22 9.40
C GLU A 259 11.20 4.17 8.29
C GLU A 259 11.18 4.16 8.27
N THR A 260 12.13 4.49 7.40
CA THR A 260 11.82 5.34 6.26
C THR A 260 11.04 4.52 5.26
N LEU A 261 11.44 3.28 5.10
CA LEU A 261 10.80 2.38 4.15
C LEU A 261 9.30 2.16 4.41
N THR A 262 8.93 2.04 5.68
CA THR A 262 7.55 1.81 6.05
C THR A 262 6.83 3.13 6.32
N GLY A 263 7.50 4.26 6.08
CA GLY A 263 6.91 5.59 6.31
C GLY A 263 6.32 6.22 5.06
N LEU A 264 6.04 7.53 5.16
CA LEU A 264 5.46 8.30 4.08
C LEU A 264 6.25 8.30 2.80
N ALA A 265 7.58 8.40 2.91
CA ALA A 265 8.46 8.49 1.73
C ALA A 265 8.66 7.12 1.04
N GLY A 266 8.43 6.03 1.78
CA GLY A 266 8.55 4.70 1.21
C GLY A 266 7.15 4.21 0.90
N LEU A 267 6.61 3.43 1.81
CA LEU A 267 5.25 2.86 1.70
C LEU A 267 4.16 3.82 1.27
N GLY A 268 4.09 5.00 1.89
CA GLY A 268 3.05 5.96 1.58
C GLY A 268 2.99 6.34 0.13
N ASP A 269 4.11 6.87 -0.35
CA ASP A 269 4.23 7.32 -1.74
C ASP A 269 4.10 6.14 -2.70
N LEU A 270 4.57 4.97 -2.29
CA LEU A 270 4.47 3.81 -3.18
C LEU A 270 3.05 3.35 -3.39
N VAL A 271 2.28 3.25 -2.32
N VAL A 271 2.28 3.24 -2.31
CA VAL A 271 0.91 2.80 -2.47
CA VAL A 271 0.89 2.80 -2.44
C VAL A 271 0.11 3.80 -3.31
C VAL A 271 0.09 3.80 -3.28
N LEU A 272 0.32 5.09 -3.07
CA LEU A 272 -0.36 6.13 -3.84
C LEU A 272 -0.06 6.00 -5.30
N THR A 273 1.23 5.92 -5.63
CA THR A 273 1.66 5.94 -7.02
C THR A 273 1.35 4.66 -7.79
N CYS A 274 1.32 3.54 -7.08
CA CYS A 274 1.01 2.25 -7.72
C CYS A 274 -0.49 1.98 -7.90
N THR A 275 -1.35 2.80 -7.31
CA THR A 275 -2.77 2.57 -7.43
C THR A 275 -3.57 3.73 -8.01
N ASP A 276 -2.97 4.88 -8.25
CA ASP A 276 -3.78 6.00 -8.69
C ASP A 276 -3.86 6.25 -10.21
N ASN A 277 -5.02 6.72 -10.68
CA ASN A 277 -5.19 7.09 -12.10
C ASN A 277 -4.32 8.29 -12.44
N GLN A 278 -4.04 9.14 -11.47
CA GLN A 278 -3.27 10.37 -11.73
C GLN A 278 -1.78 10.16 -11.98
N SER A 279 -1.29 8.97 -11.70
CA SER A 279 0.10 8.67 -11.89
C SER A 279 0.39 8.43 -13.36
N ARG A 280 1.14 9.35 -13.97
N ARG A 280 1.13 9.35 -13.99
CA ARG A 280 1.52 9.22 -15.37
CA ARG A 280 1.50 9.20 -15.40
C ARG A 280 2.44 8.03 -15.64
C ARG A 280 2.40 8.00 -15.63
N ASN A 281 3.23 7.66 -14.64
CA ASN A 281 4.14 6.53 -14.78
C ASN A 281 3.33 5.24 -14.76
N ARG A 282 2.26 5.24 -13.98
CA ARG A 282 1.36 4.11 -13.94
C ARG A 282 0.56 3.99 -15.27
N ARG A 283 0.14 5.13 -15.82
CA ARG A 283 -0.64 5.10 -17.06
C ARG A 283 0.26 4.64 -18.21
N PHE A 284 1.54 5.03 -18.15
CA PHE A 284 2.50 4.57 -19.11
C PHE A 284 2.57 3.04 -19.01
N GLY A 285 2.74 2.52 -17.80
CA GLY A 285 2.77 1.07 -17.61
C GLY A 285 1.53 0.38 -18.11
N LEU A 286 0.36 0.96 -17.85
CA LEU A 286 -0.92 0.42 -18.30
C LEU A 286 -0.88 0.25 -19.80
N ALA A 287 -0.42 1.28 -20.48
CA ALA A 287 -0.32 1.24 -21.93
C ALA A 287 0.60 0.09 -22.38
N LEU A 288 1.76 -0.06 -21.75
CA LEU A 288 2.68 -1.13 -22.12
C LEU A 288 2.03 -2.48 -21.92
N GLY A 289 1.32 -2.65 -20.82
CA GLY A 289 0.64 -3.89 -20.52
C GLY A 289 -0.44 -4.24 -21.52
N GLU A 290 -1.07 -3.21 -22.07
CA GLU A 290 -2.12 -3.39 -23.06
C GLU A 290 -1.55 -3.72 -24.42
N GLY A 291 -0.22 -3.60 -24.57
CA GLY A 291 0.45 -3.89 -25.84
C GLY A 291 1.01 -2.69 -26.61
N VAL A 292 0.85 -1.48 -26.08
CA VAL A 292 1.34 -0.27 -26.74
C VAL A 292 2.84 -0.21 -26.66
N ASP A 293 3.49 0.25 -27.72
CA ASP A 293 4.93 0.39 -27.74
C ASP A 293 5.31 1.63 -26.91
N LYS A 294 6.46 1.56 -26.25
CA LYS A 294 6.88 2.63 -25.35
C LYS A 294 6.89 4.03 -25.99
N LYS A 295 7.22 4.11 -27.27
CA LYS A 295 7.29 5.39 -27.96
C LYS A 295 5.90 6.01 -28.10
N GLU A 296 4.96 5.22 -28.63
CA GLU A 296 3.62 5.72 -28.82
C GLU A 296 2.98 6.04 -27.47
N ALA A 297 3.27 5.23 -26.45
CA ALA A 297 2.68 5.44 -25.12
C ALA A 297 3.09 6.79 -24.54
N GLN A 298 4.36 7.14 -24.71
CA GLN A 298 4.82 8.42 -24.20
C GLN A 298 4.30 9.57 -25.05
N GLN A 299 4.20 9.38 -26.37
CA GLN A 299 3.67 10.45 -27.23
C GLN A 299 2.23 10.75 -26.87
N ALA A 300 1.45 9.71 -26.61
CA ALA A 300 0.06 9.87 -26.24
C ALA A 300 -0.04 10.69 -24.95
N ILE A 301 0.80 10.37 -23.96
CA ILE A 301 0.81 11.11 -22.69
C ILE A 301 1.18 12.58 -22.92
N GLY A 302 2.08 12.82 -23.86
CA GLY A 302 2.50 14.18 -24.21
C GLY A 302 3.70 14.62 -23.40
N GLN A 303 3.44 15.13 -22.21
CA GLN A 303 4.55 15.60 -21.36
C GLN A 303 5.44 14.45 -20.88
N ALA A 304 6.73 14.75 -20.83
CA ALA A 304 7.78 13.83 -20.40
C ALA A 304 7.44 13.17 -19.07
N ILE A 305 7.77 11.90 -18.95
CA ILE A 305 7.58 11.21 -17.67
C ILE A 305 8.95 10.86 -17.13
N GLU A 306 9.04 10.56 -15.86
CA GLU A 306 10.35 10.29 -15.27
C GLU A 306 10.69 8.85 -15.06
N GLY A 307 9.69 7.98 -15.08
CA GLY A 307 9.91 6.57 -14.79
C GLY A 307 10.95 5.85 -15.62
N LEU A 308 10.99 6.13 -16.91
CA LEU A 308 11.98 5.46 -17.78
C LEU A 308 13.40 5.92 -17.38
N TYR A 309 13.57 7.22 -17.23
CA TYR A 309 14.84 7.78 -16.78
C TYR A 309 15.19 7.20 -15.41
N ASN A 310 14.25 7.21 -14.47
CA ASN A 310 14.52 6.63 -13.15
C ASN A 310 14.99 5.17 -13.29
N THR A 311 14.32 4.38 -14.13
CA THR A 311 14.65 2.98 -14.31
C THR A 311 16.10 2.84 -14.77
N ASP A 312 16.45 3.63 -15.77
CA ASP A 312 17.80 3.57 -16.31
C ASP A 312 18.86 3.96 -15.30
N GLN A 313 18.59 5.00 -14.50
CA GLN A 313 19.61 5.45 -13.53
C GLN A 313 19.77 4.46 -12.38
N VAL A 314 18.65 3.95 -11.88
CA VAL A 314 18.71 3.01 -10.78
C VAL A 314 19.29 1.69 -11.23
N HIS A 315 18.95 1.26 -12.44
CA HIS A 315 19.50 0.00 -12.98
C HIS A 315 21.02 0.11 -13.03
N ALA A 316 21.54 1.23 -13.53
CA ALA A 316 22.98 1.42 -13.59
C ALA A 316 23.59 1.39 -12.19
N LEU A 317 22.93 2.03 -11.23
CA LEU A 317 23.43 2.07 -9.86
C LEU A 317 23.40 0.68 -9.24
N ALA A 318 22.32 -0.05 -9.44
CA ALA A 318 22.19 -1.41 -8.90
C ALA A 318 23.31 -2.29 -9.43
N GLN A 319 23.59 -2.18 -10.73
CA GLN A 319 24.66 -2.97 -11.28
C GLN A 319 26.03 -2.55 -10.81
N LYS A 320 26.26 -1.25 -10.61
CA LYS A 320 27.57 -0.80 -10.15
C LYS A 320 27.89 -1.42 -8.80
N HIS A 321 26.90 -1.49 -7.93
CA HIS A 321 27.09 -2.00 -6.58
C HIS A 321 26.58 -3.43 -6.36
N ALA A 322 26.34 -4.16 -7.45
CA ALA A 322 25.82 -5.54 -7.35
C ALA A 322 24.60 -5.66 -6.41
N ILE A 323 23.58 -4.85 -6.67
CA ILE A 323 22.38 -4.88 -5.86
C ILE A 323 21.29 -5.55 -6.66
N GLU A 324 20.68 -6.57 -6.06
CA GLU A 324 19.62 -7.28 -6.71
C GLU A 324 18.29 -6.53 -6.60
N MET A 325 17.72 -6.17 -7.74
CA MET A 325 16.46 -5.46 -7.80
C MET A 325 15.71 -6.02 -8.99
N PRO A 326 14.99 -7.15 -8.77
CA PRO A 326 14.29 -7.88 -9.82
C PRO A 326 13.23 -7.10 -10.59
N LEU A 327 12.37 -6.35 -9.91
CA LEU A 327 11.37 -5.58 -10.63
C LEU A 327 12.01 -4.53 -11.52
N THR A 328 12.98 -3.81 -10.98
CA THR A 328 13.68 -2.75 -11.73
C THR A 328 14.38 -3.33 -12.95
N PHE A 329 14.99 -4.49 -12.78
CA PHE A 329 15.68 -5.12 -13.89
C PHE A 329 14.72 -5.58 -14.98
N GLN A 330 13.57 -6.13 -14.60
N GLN A 330 13.56 -6.10 -14.59
CA GLN A 330 12.58 -6.55 -15.59
CA GLN A 330 12.58 -6.58 -15.55
C GLN A 330 12.04 -5.35 -16.35
C GLN A 330 12.01 -5.38 -16.33
N VAL A 331 11.74 -4.27 -15.64
CA VAL A 331 11.24 -3.07 -16.34
C VAL A 331 12.29 -2.61 -17.36
N HIS A 332 13.56 -2.61 -16.95
CA HIS A 332 14.64 -2.23 -17.86
C HIS A 332 14.65 -3.13 -19.11
N ARG A 333 14.44 -4.44 -18.92
N ARG A 333 14.44 -4.44 -18.92
CA ARG A 333 14.41 -5.40 -20.02
CA ARG A 333 14.43 -5.38 -20.04
C ARG A 333 13.23 -5.11 -20.95
C ARG A 333 13.23 -5.13 -20.95
N ILE A 334 12.09 -4.76 -20.36
CA ILE A 334 10.91 -4.46 -21.14
C ILE A 334 11.18 -3.25 -22.02
N LEU A 335 11.88 -2.26 -21.48
CA LEU A 335 12.16 -1.02 -22.22
C LEU A 335 13.27 -1.14 -23.25
N HIS A 336 14.33 -1.86 -22.91
CA HIS A 336 15.51 -1.90 -23.78
C HIS A 336 15.84 -3.24 -24.42
N GLU A 337 15.20 -4.33 -24.03
CA GLU A 337 15.53 -5.65 -24.61
C GLU A 337 14.33 -6.31 -25.26
N ASP A 338 13.30 -5.51 -25.52
CA ASP A 338 12.09 -5.96 -26.19
C ASP A 338 11.37 -7.11 -25.45
N LEU A 339 11.59 -7.24 -24.14
CA LEU A 339 10.93 -8.28 -23.37
C LEU A 339 9.41 -8.12 -23.38
N ASP A 340 8.70 -9.20 -23.76
CA ASP A 340 7.25 -9.22 -23.77
C ASP A 340 6.72 -9.00 -22.36
N PRO A 341 5.80 -8.03 -22.21
CA PRO A 341 5.25 -7.69 -20.88
C PRO A 341 4.60 -8.84 -20.13
N GLN A 342 3.76 -9.62 -20.79
CA GLN A 342 3.14 -10.74 -20.10
C GLN A 342 4.20 -11.69 -19.58
N GLN A 343 5.16 -12.07 -20.42
CA GLN A 343 6.19 -12.97 -19.97
C GLN A 343 6.96 -12.34 -18.81
N ALA A 344 7.25 -11.05 -18.89
CA ALA A 344 8.02 -10.37 -17.85
C ALA A 344 7.33 -10.40 -16.47
N VAL A 345 6.05 -10.12 -16.44
CA VAL A 345 5.34 -10.10 -15.16
C VAL A 345 5.15 -11.50 -14.65
N GLN A 346 4.97 -12.47 -15.55
N GLN A 346 4.99 -12.45 -15.57
CA GLN A 346 4.80 -13.86 -15.10
CA GLN A 346 4.84 -13.85 -15.21
C GLN A 346 6.11 -14.43 -14.55
C GLN A 346 6.10 -14.33 -14.51
N GLU A 347 7.25 -13.93 -15.05
CA GLU A 347 8.55 -14.35 -14.48
C GLU A 347 8.68 -13.74 -13.07
N LEU A 348 8.21 -12.51 -12.89
CA LEU A 348 8.28 -11.87 -11.57
C LEU A 348 7.37 -12.54 -10.54
N LEU A 349 6.15 -12.85 -10.93
CA LEU A 349 5.17 -13.47 -10.02
C LEU A 349 5.50 -14.94 -9.73
N GLU A 350 5.99 -15.66 -10.72
CA GLU A 350 6.28 -17.08 -10.53
C GLU A 350 7.70 -17.27 -9.95
N ARG A 351 7.81 -16.83 -8.71
CA ARG A 351 9.02 -16.79 -7.89
C ARG A 351 9.20 -18.05 -7.04
N SER A 352 10.44 -18.29 -6.62
CA SER A 352 10.80 -19.43 -5.77
C SER A 352 10.92 -19.00 -4.30
N PRO B 27 -0.09 -40.62 -1.69
CA PRO B 27 -0.17 -39.35 -0.97
C PRO B 27 -1.14 -38.37 -1.61
N PHE B 28 -1.64 -37.42 -0.82
CA PHE B 28 -2.58 -36.38 -1.28
C PHE B 28 -3.79 -36.96 -1.98
N LYS B 29 -4.18 -38.12 -1.46
CA LYS B 29 -5.32 -38.90 -1.90
C LYS B 29 -6.46 -38.78 -0.90
N HIS B 30 -6.10 -38.53 0.36
CA HIS B 30 -7.09 -38.34 1.41
C HIS B 30 -7.83 -37.05 1.18
N PRO B 31 -9.14 -37.06 1.43
CA PRO B 31 -9.93 -35.85 1.24
C PRO B 31 -9.54 -34.79 2.27
N ILE B 32 -9.78 -33.53 1.93
CA ILE B 32 -9.51 -32.40 2.82
C ILE B 32 -10.85 -31.71 3.10
N ALA B 33 -11.08 -31.35 4.35
CA ALA B 33 -12.30 -30.68 4.74
C ALA B 33 -12.02 -29.20 4.94
N ILE B 34 -12.89 -28.37 4.37
CA ILE B 34 -12.85 -26.92 4.51
C ILE B 34 -14.15 -26.54 5.20
N LEU B 35 -14.03 -25.92 6.36
CA LEU B 35 -15.16 -25.51 7.17
C LEU B 35 -15.36 -23.99 7.00
N GLY B 36 -16.49 -23.63 6.40
CA GLY B 36 -16.80 -22.24 6.10
C GLY B 36 -16.91 -22.11 4.60
N ALA B 37 -18.08 -21.73 4.11
CA ALA B 37 -18.35 -21.63 2.68
C ALA B 37 -18.60 -20.20 2.24
N GLY B 38 -17.88 -19.25 2.86
CA GLY B 38 -17.95 -17.87 2.45
C GLY B 38 -17.15 -17.84 1.16
N SER B 39 -16.89 -16.65 0.63
N SER B 39 -16.91 -16.66 0.61
CA SER B 39 -16.17 -16.49 -0.64
CA SER B 39 -16.18 -16.51 -0.66
C SER B 39 -14.79 -17.13 -0.65
C SER B 39 -14.79 -17.12 -0.66
N TRP B 40 -14.01 -16.86 0.39
CA TRP B 40 -12.64 -17.34 0.50
C TRP B 40 -12.57 -18.87 0.72
N GLY B 41 -13.41 -19.41 1.60
CA GLY B 41 -13.42 -20.85 1.79
C GLY B 41 -13.72 -21.55 0.48
N THR B 42 -14.71 -21.03 -0.25
CA THR B 42 -15.10 -21.61 -1.53
C THR B 42 -13.96 -21.44 -2.58
N ALA B 43 -13.35 -20.26 -2.65
CA ALA B 43 -12.22 -20.03 -3.59
C ALA B 43 -11.10 -21.06 -3.31
N LEU B 44 -10.76 -21.25 -2.04
CA LEU B 44 -9.75 -22.24 -1.69
C LEU B 44 -10.23 -23.66 -2.09
N ALA B 45 -11.50 -23.98 -1.84
CA ALA B 45 -12.02 -25.31 -2.21
C ALA B 45 -11.85 -25.50 -3.71
N LEU B 46 -12.11 -24.45 -4.47
CA LEU B 46 -11.99 -24.51 -5.92
C LEU B 46 -10.56 -24.73 -6.34
N VAL B 47 -9.62 -23.95 -5.78
CA VAL B 47 -8.21 -24.09 -6.12
C VAL B 47 -7.73 -25.56 -5.98
N LEU B 48 -8.17 -26.20 -4.91
CA LEU B 48 -7.79 -27.59 -4.65
C LEU B 48 -8.57 -28.61 -5.52
N ALA B 49 -9.89 -28.41 -5.60
CA ALA B 49 -10.75 -29.33 -6.34
C ALA B 49 -10.37 -29.40 -7.80
N ARG B 50 -9.97 -28.26 -8.38
CA ARG B 50 -9.56 -28.18 -9.80
C ARG B 50 -8.31 -29.02 -10.08
N LYS B 51 -7.47 -29.22 -9.08
CA LYS B 51 -6.27 -30.04 -9.25
C LYS B 51 -6.59 -31.52 -9.06
N GLY B 52 -7.87 -31.85 -8.89
CA GLY B 52 -8.30 -33.24 -8.71
C GLY B 52 -8.31 -33.72 -7.27
N GLN B 53 -8.05 -32.84 -6.32
CA GLN B 53 -8.06 -33.27 -4.93
C GLN B 53 -9.50 -33.33 -4.49
N LYS B 54 -9.84 -34.29 -3.64
CA LYS B 54 -11.20 -34.39 -3.09
C LYS B 54 -11.37 -33.38 -1.98
N VAL B 55 -12.43 -32.60 -2.07
CA VAL B 55 -12.69 -31.57 -1.09
C VAL B 55 -14.10 -31.64 -0.57
N ARG B 56 -14.23 -31.49 0.74
CA ARG B 56 -15.51 -31.49 1.40
C ARG B 56 -15.72 -30.10 1.99
N LEU B 57 -16.76 -29.41 1.53
CA LEU B 57 -17.06 -28.05 1.95
C LEU B 57 -18.26 -28.01 2.87
N TRP B 58 -18.03 -27.69 4.13
CA TRP B 58 -19.05 -27.67 5.16
C TRP B 58 -19.39 -26.27 5.56
N SER B 59 -20.64 -26.11 5.98
CA SER B 59 -21.13 -24.85 6.47
C SER B 59 -22.16 -25.14 7.54
N TYR B 60 -22.25 -24.26 8.54
CA TYR B 60 -23.26 -24.41 9.59
C TYR B 60 -24.57 -23.76 9.18
N GLU B 61 -24.58 -23.13 8.02
CA GLU B 61 -25.79 -22.52 7.51
C GLU B 61 -26.50 -23.56 6.66
N SER B 62 -27.50 -24.22 7.22
N SER B 62 -27.51 -24.19 7.24
CA SER B 62 -28.19 -25.32 6.52
CA SER B 62 -28.29 -25.27 6.60
C SER B 62 -28.84 -24.94 5.18
C SER B 62 -28.82 -24.93 5.22
N ASP B 63 -29.58 -23.82 5.14
CA ASP B 63 -30.18 -23.39 3.90
C ASP B 63 -29.17 -23.16 2.79
N HIS B 64 -28.01 -22.60 3.14
CA HIS B 64 -26.97 -22.36 2.16
C HIS B 64 -26.45 -23.70 1.61
N VAL B 65 -26.24 -24.67 2.49
CA VAL B 65 -25.77 -26.00 2.05
C VAL B 65 -26.78 -26.59 1.07
N ASP B 66 -28.06 -26.40 1.35
CA ASP B 66 -29.11 -26.88 0.44
C ASP B 66 -28.96 -26.27 -0.94
N GLU B 67 -28.64 -24.97 -0.98
CA GLU B 67 -28.47 -24.29 -2.26
C GLU B 67 -27.28 -24.87 -3.03
N MET B 68 -26.18 -25.11 -2.32
CA MET B 68 -24.97 -25.63 -2.93
C MET B 68 -25.15 -27.07 -3.44
N GLN B 69 -25.73 -27.92 -2.62
CA GLN B 69 -25.97 -29.30 -3.03
C GLN B 69 -26.92 -29.36 -4.21
N ALA B 70 -27.92 -28.51 -4.22
CA ALA B 70 -28.87 -28.50 -5.32
C ALA B 70 -28.33 -27.86 -6.60
N GLU B 71 -27.50 -26.82 -6.47
CA GLU B 71 -27.02 -26.10 -7.67
C GLU B 71 -25.58 -26.41 -8.13
N GLY B 72 -24.75 -26.98 -7.27
CA GLY B 72 -23.36 -27.28 -7.65
C GLY B 72 -22.54 -26.03 -7.87
N VAL B 73 -22.87 -24.99 -7.13
CA VAL B 73 -22.17 -23.71 -7.21
C VAL B 73 -22.51 -22.98 -5.92
N ASN B 74 -21.76 -21.95 -5.59
CA ASN B 74 -22.05 -21.17 -4.41
C ASN B 74 -22.59 -19.84 -4.88
N ASN B 75 -23.88 -19.80 -5.20
CA ASN B 75 -24.50 -18.60 -5.71
C ASN B 75 -24.56 -17.47 -4.70
N ARG B 76 -24.69 -17.73 -3.42
CA ARG B 76 -24.77 -16.57 -2.52
C ARG B 76 -23.43 -15.88 -2.21
N TYR B 77 -22.31 -16.58 -2.31
CA TYR B 77 -21.02 -15.97 -2.01
C TYR B 77 -20.02 -15.96 -3.17
N LEU B 78 -20.19 -16.81 -4.16
CA LEU B 78 -19.24 -16.83 -5.26
C LEU B 78 -19.91 -17.36 -6.54
N PRO B 79 -20.88 -16.61 -7.04
CA PRO B 79 -21.57 -17.07 -8.24
C PRO B 79 -20.67 -17.05 -9.47
N ASN B 80 -21.02 -17.89 -10.46
CA ASN B 80 -20.33 -18.00 -11.75
C ASN B 80 -19.14 -18.92 -11.76
N TYR B 81 -18.95 -19.69 -10.68
CA TYR B 81 -17.84 -20.64 -10.57
C TYR B 81 -18.35 -22.01 -10.10
N PRO B 82 -18.83 -22.84 -11.04
CA PRO B 82 -19.35 -24.16 -10.72
C PRO B 82 -18.33 -25.04 -10.04
N PHE B 83 -18.80 -25.89 -9.13
CA PHE B 83 -17.94 -26.81 -8.45
C PHE B 83 -17.51 -27.94 -9.38
N PRO B 84 -16.23 -28.32 -9.35
CA PRO B 84 -15.83 -29.50 -10.11
C PRO B 84 -16.41 -30.71 -9.39
N GLU B 85 -16.28 -31.88 -9.99
CA GLU B 85 -16.86 -33.09 -9.43
C GLU B 85 -16.27 -33.45 -8.07
N THR B 86 -14.99 -33.23 -7.89
CA THR B 86 -14.30 -33.55 -6.63
C THR B 86 -14.66 -32.61 -5.44
N LEU B 87 -15.52 -31.61 -5.67
CA LEU B 87 -15.93 -30.67 -4.62
C LEU B 87 -17.39 -30.87 -4.27
N LYS B 88 -17.67 -31.25 -3.03
CA LYS B 88 -19.03 -31.47 -2.58
C LYS B 88 -19.31 -30.76 -1.27
N ALA B 89 -20.50 -30.20 -1.17
CA ALA B 89 -20.94 -29.50 0.03
C ALA B 89 -21.50 -30.49 1.05
N TYR B 90 -21.17 -30.26 2.32
CA TYR B 90 -21.64 -31.12 3.41
C TYR B 90 -22.47 -30.34 4.41
N CYS B 91 -23.43 -31.06 4.98
CA CYS B 91 -24.34 -30.53 5.95
C CYS B 91 -23.94 -30.95 7.34
N ASP B 92 -23.42 -32.17 7.44
CA ASP B 92 -23.05 -32.78 8.70
C ASP B 92 -21.57 -32.72 8.96
N LEU B 93 -21.19 -32.03 10.03
CA LEU B 93 -19.79 -31.86 10.39
C LEU B 93 -19.09 -33.21 10.57
N LYS B 94 -19.73 -34.12 11.29
CA LYS B 94 -19.13 -35.44 11.50
C LYS B 94 -18.80 -36.10 10.17
N ALA B 95 -19.78 -36.13 9.27
CA ALA B 95 -19.61 -36.76 7.96
C ALA B 95 -18.49 -36.10 7.16
N SER B 96 -18.38 -34.77 7.23
CA SER B 96 -17.36 -34.06 6.45
C SER B 96 -15.94 -34.38 6.96
N LEU B 97 -15.82 -34.74 8.24
CA LEU B 97 -14.51 -35.07 8.82
C LEU B 97 -14.17 -36.58 8.84
N GLU B 98 -15.11 -37.43 8.47
N GLU B 98 -15.11 -37.43 8.47
CA GLU B 98 -14.85 -38.88 8.49
CA GLU B 98 -14.87 -38.88 8.50
C GLU B 98 -13.86 -39.27 7.40
C GLU B 98 -13.87 -39.28 7.41
N GLY B 99 -12.69 -39.75 7.82
CA GLY B 99 -11.65 -40.15 6.88
C GLY B 99 -10.68 -39.00 6.58
N VAL B 100 -10.96 -37.84 7.16
CA VAL B 100 -10.13 -36.66 6.95
C VAL B 100 -9.14 -36.45 8.08
N THR B 101 -7.91 -36.12 7.74
CA THR B 101 -6.92 -35.80 8.76
C THR B 101 -6.55 -34.29 8.74
N ASP B 102 -6.64 -33.66 7.57
CA ASP B 102 -6.34 -32.21 7.40
C ASP B 102 -7.61 -31.37 7.26
N ILE B 103 -7.75 -30.38 8.15
CA ILE B 103 -8.92 -29.51 8.18
C ILE B 103 -8.49 -28.05 8.01
N LEU B 104 -9.18 -27.35 7.12
CA LEU B 104 -8.91 -25.95 6.83
C LEU B 104 -10.15 -25.18 7.22
N ILE B 105 -10.02 -24.35 8.24
CA ILE B 105 -11.13 -23.59 8.78
C ILE B 105 -11.15 -22.17 8.24
N VAL B 106 -12.29 -21.78 7.67
CA VAL B 106 -12.44 -20.44 7.13
C VAL B 106 -13.79 -19.84 7.57
N VAL B 107 -14.21 -20.13 8.78
CA VAL B 107 -15.44 -19.56 9.28
C VAL B 107 -15.13 -18.16 9.81
N PRO B 108 -16.18 -17.35 10.03
CA PRO B 108 -16.01 -16.01 10.57
C PRO B 108 -15.39 -16.05 11.95
N SER B 109 -14.64 -14.99 12.28
CA SER B 109 -13.96 -14.94 13.55
C SER B 109 -14.90 -15.19 14.74
N PHE B 110 -16.10 -14.63 14.72
CA PHE B 110 -17.02 -14.83 15.83
C PHE B 110 -17.48 -16.29 16.08
N ALA B 111 -17.31 -17.15 15.08
CA ALA B 111 -17.76 -18.54 15.16
C ALA B 111 -16.62 -19.54 15.26
N PHE B 112 -15.39 -19.05 15.31
CA PHE B 112 -14.24 -19.94 15.29
C PHE B 112 -14.18 -20.80 16.54
N HIS B 113 -14.33 -20.18 17.69
CA HIS B 113 -14.30 -20.92 18.94
C HIS B 113 -15.44 -21.95 18.99
N GLU B 114 -16.62 -21.54 18.54
CA GLU B 114 -17.74 -22.44 18.55
C GLU B 114 -17.48 -23.65 17.62
N VAL B 115 -16.91 -23.43 16.43
CA VAL B 115 -16.62 -24.53 15.50
C VAL B 115 -15.53 -25.45 16.09
N ILE B 116 -14.49 -24.86 16.65
CA ILE B 116 -13.45 -25.65 17.29
C ILE B 116 -14.10 -26.54 18.38
N THR B 117 -14.97 -25.96 19.21
CA THR B 117 -15.63 -26.71 20.26
C THR B 117 -16.38 -27.91 19.68
N ARG B 118 -17.09 -27.70 18.57
CA ARG B 118 -17.84 -28.78 17.93
C ARG B 118 -16.94 -29.86 17.33
N MET B 119 -15.75 -29.47 16.92
CA MET B 119 -14.80 -30.41 16.34
C MET B 119 -14.14 -31.29 17.39
N LYS B 120 -14.03 -30.78 18.62
CA LYS B 120 -13.30 -31.46 19.68
C LYS B 120 -13.56 -32.98 19.79
N PRO B 121 -14.84 -33.40 19.85
CA PRO B 121 -15.07 -34.84 19.99
C PRO B 121 -15.17 -35.57 18.68
N LEU B 122 -14.94 -34.86 17.57
CA LEU B 122 -15.04 -35.48 16.27
C LEU B 122 -13.69 -35.77 15.65
N ILE B 123 -12.64 -35.08 16.08
CA ILE B 123 -11.33 -35.28 15.46
C ILE B 123 -10.57 -36.39 16.16
N ASP B 124 -9.47 -36.84 15.57
CA ASP B 124 -8.68 -37.89 16.19
C ASP B 124 -7.25 -37.44 16.38
N ALA B 125 -6.46 -38.37 16.89
CA ALA B 125 -5.04 -38.15 17.20
C ALA B 125 -4.21 -37.51 16.11
N LYS B 126 -4.41 -37.91 14.86
CA LYS B 126 -3.57 -37.38 13.80
C LYS B 126 -4.16 -36.20 13.02
N THR B 127 -5.14 -35.52 13.61
CA THR B 127 -5.77 -34.39 12.96
C THR B 127 -4.80 -33.20 12.91
N ARG B 128 -4.78 -32.51 11.77
CA ARG B 128 -3.95 -31.32 11.58
C ARG B 128 -4.92 -30.20 11.24
N ILE B 129 -4.66 -29.02 11.78
CA ILE B 129 -5.60 -27.93 11.68
C ILE B 129 -5.03 -26.64 11.11
N ALA B 130 -5.58 -26.20 9.97
CA ALA B 130 -5.18 -24.93 9.37
C ALA B 130 -6.38 -24.04 9.34
N TRP B 131 -6.16 -22.73 9.20
CA TRP B 131 -7.23 -21.76 9.09
C TRP B 131 -6.85 -20.53 8.23
N GLY B 132 -7.86 -19.95 7.61
CA GLY B 132 -7.72 -18.74 6.85
C GLY B 132 -8.51 -17.62 7.53
N THR B 133 -9.22 -17.97 8.62
CA THR B 133 -10.00 -17.02 9.41
C THR B 133 -9.07 -15.95 9.96
N LYS B 134 -9.50 -14.69 9.90
CA LYS B 134 -8.69 -13.57 10.40
C LYS B 134 -9.44 -12.92 11.55
N GLY B 135 -8.74 -12.73 12.66
CA GLY B 135 -9.31 -12.14 13.85
C GLY B 135 -8.82 -12.77 15.15
N LEU B 136 -9.40 -12.30 16.25
CA LEU B 136 -9.10 -12.80 17.59
C LEU B 136 -10.35 -13.50 18.14
N ALA B 137 -10.16 -14.32 19.16
CA ALA B 137 -11.24 -15.03 19.81
C ALA B 137 -11.36 -14.53 21.25
N LYS B 138 -12.46 -14.90 21.89
CA LYS B 138 -12.76 -14.55 23.29
C LYS B 138 -11.56 -14.72 24.22
N GLY B 139 -11.43 -13.78 25.15
CA GLY B 139 -10.29 -13.76 26.07
C GLY B 139 -9.11 -13.03 25.41
N SER B 140 -9.43 -12.30 24.33
CA SER B 140 -8.45 -11.59 23.49
C SER B 140 -7.31 -12.48 23.01
N ARG B 141 -7.66 -13.67 22.53
CA ARG B 141 -6.66 -14.64 22.11
C ARG B 141 -6.50 -14.81 20.59
N LEU B 142 -5.26 -15.06 20.18
CA LEU B 142 -4.94 -15.37 18.80
C LEU B 142 -5.62 -16.72 18.55
N LEU B 143 -6.02 -16.96 17.33
CA LEU B 143 -6.75 -18.16 17.05
C LEU B 143 -5.97 -19.46 17.40
N HIS B 144 -4.65 -19.48 17.22
CA HIS B 144 -3.90 -20.72 17.51
C HIS B 144 -4.00 -21.13 19.01
N GLU B 145 -4.24 -20.17 19.88
CA GLU B 145 -4.34 -20.46 21.31
C GLU B 145 -5.65 -21.20 21.61
N VAL B 146 -6.69 -20.82 20.87
CA VAL B 146 -8.00 -21.44 20.98
C VAL B 146 -7.87 -22.86 20.51
N VAL B 147 -7.19 -23.05 19.38
CA VAL B 147 -7.01 -24.39 18.87
C VAL B 147 -6.24 -25.23 19.90
N ALA B 148 -5.16 -24.70 20.44
CA ALA B 148 -4.31 -25.43 21.41
C ALA B 148 -5.05 -25.80 22.69
N THR B 149 -5.82 -24.87 23.21
CA THR B 149 -6.57 -25.09 24.42
C THR B 149 -7.61 -26.18 24.26
N GLU B 150 -8.39 -26.09 23.20
CA GLU B 150 -9.47 -27.02 23.00
C GLU B 150 -9.05 -28.36 22.45
N LEU B 151 -8.09 -28.35 21.53
CA LEU B 151 -7.74 -29.57 20.84
C LEU B 151 -6.38 -30.12 21.20
N GLY B 152 -5.68 -29.47 22.11
CA GLY B 152 -4.34 -29.90 22.47
C GLY B 152 -3.29 -29.43 21.47
N GLN B 153 -2.06 -29.88 21.70
CA GLN B 153 -0.93 -29.49 20.87
C GLN B 153 -0.98 -30.33 19.61
N VAL B 154 -1.42 -29.72 18.50
CA VAL B 154 -1.50 -30.38 17.21
C VAL B 154 -0.81 -29.55 16.13
N PRO B 155 -0.51 -30.17 14.99
CA PRO B 155 0.06 -29.36 13.93
C PRO B 155 -0.95 -28.29 13.52
N MET B 156 -0.48 -27.05 13.44
CA MET B 156 -1.31 -25.89 13.11
C MET B 156 -0.70 -25.01 12.03
N ALA B 157 -1.55 -24.41 11.18
CA ALA B 157 -1.07 -23.48 10.15
C ALA B 157 -2.08 -22.36 9.86
N VAL B 158 -1.57 -21.16 9.58
CA VAL B 158 -2.42 -20.05 9.18
C VAL B 158 -2.03 -19.60 7.75
N ILE B 159 -3.05 -19.41 6.89
CA ILE B 159 -2.87 -18.95 5.51
C ILE B 159 -3.39 -17.54 5.48
N SER B 160 -2.62 -16.61 4.94
CA SER B 160 -3.01 -15.22 4.96
C SER B 160 -2.18 -14.36 3.99
N GLY B 161 -2.86 -13.47 3.27
CA GLY B 161 -2.22 -12.58 2.31
C GLY B 161 -3.29 -11.86 1.50
N PRO B 162 -2.87 -11.08 0.49
CA PRO B 162 -3.80 -10.33 -0.36
C PRO B 162 -4.50 -11.31 -1.27
N SER B 163 -5.77 -11.58 -0.97
CA SER B 163 -6.45 -12.64 -1.67
C SER B 163 -7.96 -12.49 -1.85
N LEU B 164 -8.36 -11.55 -2.70
CA LEU B 164 -9.75 -11.39 -3.03
C LEU B 164 -10.21 -12.73 -3.58
N ALA B 165 -11.28 -13.27 -3.02
CA ALA B 165 -11.76 -14.58 -3.41
C ALA B 165 -12.18 -14.65 -4.86
N THR B 166 -12.77 -13.57 -5.39
CA THR B 166 -13.23 -13.60 -6.80
C THR B 166 -12.07 -13.75 -7.80
N GLU B 167 -10.95 -13.09 -7.52
CA GLU B 167 -9.77 -13.17 -8.39
C GLU B 167 -9.10 -14.54 -8.31
N VAL B 168 -9.12 -15.13 -7.14
CA VAL B 168 -8.55 -16.48 -6.97
C VAL B 168 -9.43 -17.40 -7.80
N ALA B 169 -10.74 -17.30 -7.61
CA ALA B 169 -11.68 -18.13 -8.38
C ALA B 169 -11.43 -18.01 -9.88
N ALA B 170 -11.12 -16.78 -10.32
CA ALA B 170 -10.89 -16.51 -11.72
C ALA B 170 -9.49 -16.91 -12.18
N ASN B 171 -8.72 -17.53 -11.28
CA ASN B 171 -7.38 -17.98 -11.60
C ASN B 171 -6.38 -16.84 -11.93
N LEU B 172 -6.59 -15.67 -11.33
CA LEU B 172 -5.65 -14.54 -11.49
C LEU B 172 -4.45 -14.74 -10.52
N PRO B 173 -3.27 -14.22 -10.86
CA PRO B 173 -2.17 -14.52 -9.97
C PRO B 173 -2.37 -14.01 -8.55
N THR B 174 -2.05 -14.87 -7.59
CA THR B 174 -2.21 -14.55 -6.18
C THR B 174 -1.08 -15.18 -5.37
N ALA B 175 -0.66 -14.47 -4.33
CA ALA B 175 0.39 -14.91 -3.42
C ALA B 175 -0.04 -14.70 -1.97
N VAL B 176 0.09 -15.75 -1.16
CA VAL B 176 -0.22 -15.66 0.26
C VAL B 176 0.93 -16.27 1.08
N SER B 177 0.95 -15.99 2.37
CA SER B 177 1.94 -16.54 3.29
C SER B 177 1.32 -17.70 4.03
N LEU B 178 2.15 -18.60 4.53
CA LEU B 178 1.67 -19.75 5.30
C LEU B 178 2.63 -19.98 6.43
N ALA B 179 2.14 -19.81 7.65
CA ALA B 179 2.94 -20.01 8.85
C ALA B 179 2.43 -21.27 9.56
N SER B 180 3.32 -22.09 10.07
CA SER B 180 2.95 -23.33 10.72
C SER B 180 3.86 -23.67 11.90
N ASN B 181 3.43 -24.55 12.78
CA ASN B 181 4.32 -24.95 13.86
C ASN B 181 4.90 -26.33 13.52
N ASN B 182 4.64 -26.82 12.30
CA ASN B 182 5.06 -28.18 11.89
C ASN B 182 5.50 -28.21 10.43
N SER B 183 6.77 -28.54 10.22
CA SER B 183 7.37 -28.51 8.87
C SER B 183 6.69 -29.40 7.86
N GLN B 184 6.34 -30.61 8.28
CA GLN B 184 5.71 -31.53 7.37
C GLN B 184 4.36 -30.99 6.95
N PHE B 185 3.62 -30.42 7.89
CA PHE B 185 2.28 -29.88 7.63
C PHE B 185 2.39 -28.72 6.65
N SER B 186 3.36 -27.85 6.89
CA SER B 186 3.62 -26.74 5.99
C SER B 186 3.95 -27.26 4.57
N LYS B 187 4.82 -28.26 4.48
CA LYS B 187 5.19 -28.80 3.16
C LYS B 187 3.98 -29.40 2.50
N ASP B 188 3.20 -30.13 3.27
CA ASP B 188 1.99 -30.77 2.72
C ASP B 188 0.96 -29.73 2.22
N LEU B 189 0.71 -28.70 2.99
CA LEU B 189 -0.25 -27.70 2.56
C LEU B 189 0.26 -26.99 1.33
N ILE B 190 1.54 -26.66 1.32
CA ILE B 190 2.08 -25.97 0.17
C ILE B 190 2.02 -26.89 -1.03
N GLU B 191 2.24 -28.19 -0.82
CA GLU B 191 2.15 -29.08 -1.96
C GLU B 191 0.73 -29.09 -2.54
N ARG B 192 -0.29 -29.04 -1.69
CA ARG B 192 -1.69 -29.06 -2.17
C ARG B 192 -2.08 -27.78 -2.92
N LEU B 193 -1.71 -26.64 -2.34
CA LEU B 193 -2.11 -25.32 -2.84
C LEU B 193 -1.23 -24.65 -3.90
N HIS B 194 0.08 -24.72 -3.72
CA HIS B 194 1.03 -24.03 -4.58
C HIS B 194 0.96 -24.47 -6.03
N GLY B 195 0.65 -23.52 -6.92
CA GLY B 195 0.55 -23.78 -8.35
C GLY B 195 1.10 -22.61 -9.14
N GLN B 196 0.83 -22.59 -10.44
CA GLN B 196 1.33 -21.53 -11.27
C GLN B 196 0.76 -20.17 -10.86
N ARG B 197 -0.56 -20.11 -10.68
CA ARG B 197 -1.22 -18.84 -10.35
C ARG B 197 -1.70 -18.60 -8.92
N PHE B 198 -1.61 -19.62 -8.09
CA PHE B 198 -1.92 -19.45 -6.70
C PHE B 198 -0.66 -19.94 -6.02
N ARG B 199 0.07 -18.99 -5.42
CA ARG B 199 1.33 -19.28 -4.80
C ARG B 199 1.33 -19.04 -3.30
N VAL B 200 1.99 -19.96 -2.60
CA VAL B 200 2.04 -19.97 -1.15
C VAL B 200 3.47 -20.00 -0.67
N TYR B 201 3.84 -18.99 0.10
CA TYR B 201 5.19 -18.85 0.59
C TYR B 201 5.30 -19.06 2.11
N LYS B 202 6.29 -19.85 2.53
CA LYS B 202 6.52 -20.10 3.96
C LYS B 202 6.88 -18.84 4.73
N ASN B 203 6.37 -18.75 5.95
CA ASN B 203 6.67 -17.67 6.90
C ASN B 203 6.74 -18.36 8.25
N ASP B 204 7.79 -18.12 9.02
CA ASP B 204 7.94 -18.78 10.32
C ASP B 204 7.36 -18.04 11.52
N ASP B 205 6.62 -16.98 11.27
CA ASP B 205 6.06 -16.08 12.31
C ASP B 205 4.56 -16.15 12.37
N MET B 206 4.05 -17.19 13.03
CA MET B 206 2.60 -17.34 13.12
C MET B 206 1.93 -16.19 13.84
N ILE B 207 2.50 -15.81 14.97
CA ILE B 207 1.98 -14.74 15.80
C ILE B 207 1.80 -13.46 14.98
N GLY B 208 2.84 -13.08 14.24
CA GLY B 208 2.77 -11.87 13.43
C GLY B 208 1.77 -11.97 12.30
N VAL B 209 1.63 -13.14 11.71
CA VAL B 209 0.68 -13.32 10.62
C VAL B 209 -0.74 -13.16 11.15
N GLU B 210 -0.99 -13.78 12.30
CA GLU B 210 -2.33 -13.70 12.90
C GLU B 210 -2.67 -12.25 13.29
N LEU B 211 -1.73 -11.58 13.95
CA LEU B 211 -1.99 -10.20 14.39
C LEU B 211 -2.19 -9.24 13.22
N CYS B 212 -1.37 -9.33 12.18
CA CYS B 212 -1.56 -8.42 11.04
C CYS B 212 -2.91 -8.66 10.42
N GLY B 213 -3.27 -9.96 10.29
CA GLY B 213 -4.55 -10.34 9.74
C GLY B 213 -5.75 -9.86 10.56
N SER B 214 -5.58 -9.75 11.85
CA SER B 214 -6.69 -9.35 12.69
C SER B 214 -6.90 -7.83 12.69
N VAL B 215 -5.93 -7.05 12.19
CA VAL B 215 -6.04 -5.60 12.23
C VAL B 215 -6.34 -4.94 10.87
N LYS B 216 -5.97 -5.62 9.79
CA LYS B 216 -6.07 -5.01 8.45
C LYS B 216 -7.48 -4.57 8.04
N ASN B 217 -8.50 -5.34 8.41
CA ASN B 217 -9.89 -4.94 8.07
C ASN B 217 -10.34 -3.68 8.80
N ILE B 218 -9.84 -3.49 10.00
CA ILE B 218 -10.17 -2.33 10.81
C ILE B 218 -9.63 -1.09 10.08
N LEU B 219 -8.41 -1.21 9.63
CA LEU B 219 -7.75 -0.12 8.93
C LEU B 219 -8.45 0.18 7.60
N ALA B 220 -8.99 -0.84 6.94
CA ALA B 220 -9.72 -0.65 5.68
C ALA B 220 -11.04 0.08 5.92
N ILE B 221 -11.64 -0.10 7.11
CA ILE B 221 -12.87 0.63 7.41
C ILE B 221 -12.49 2.13 7.53
N ALA B 222 -11.42 2.41 8.22
CA ALA B 222 -10.93 3.76 8.41
C ALA B 222 -10.61 4.46 7.08
N THR B 223 -9.91 3.77 6.17
CA THR B 223 -9.60 4.36 4.88
C THR B 223 -10.89 4.48 4.05
N GLY B 224 -11.77 3.50 4.19
CA GLY B 224 -13.05 3.58 3.50
C GLY B 224 -13.80 4.86 3.92
N ILE B 225 -13.79 5.13 5.22
CA ILE B 225 -14.46 6.32 5.78
C ILE B 225 -13.88 7.59 5.15
N SER B 226 -12.54 7.67 5.11
CA SER B 226 -11.81 8.78 4.49
C SER B 226 -12.24 8.94 3.03
N ASP B 227 -12.26 7.83 2.29
CA ASP B 227 -12.71 7.88 0.90
C ASP B 227 -14.19 8.32 0.77
N GLY B 228 -15.03 7.85 1.68
CA GLY B 228 -16.45 8.22 1.69
C GLY B 228 -16.63 9.72 1.90
N LEU B 229 -15.74 10.29 2.71
CA LEU B 229 -15.71 11.72 2.99
C LEU B 229 -15.02 12.49 1.85
N LYS B 230 -14.56 11.75 0.84
CA LYS B 230 -13.91 12.36 -0.30
C LYS B 230 -12.67 13.16 0.13
N LEU B 231 -11.91 12.61 1.07
CA LEU B 231 -10.72 13.27 1.56
C LEU B 231 -9.55 13.15 0.56
N GLY B 232 -9.61 12.21 -0.37
CA GLY B 232 -8.57 12.10 -1.39
C GLY B 232 -7.57 10.97 -1.24
N SER B 233 -6.85 10.72 -2.33
CA SER B 233 -5.83 9.67 -2.41
C SER B 233 -4.65 9.92 -1.47
N ASN B 234 -4.26 11.19 -1.33
CA ASN B 234 -3.16 11.55 -0.43
C ASN B 234 -3.48 11.19 1.00
N ALA B 235 -4.68 11.57 1.44
CA ALA B 235 -5.16 11.25 2.78
C ALA B 235 -5.21 9.72 3.00
N ARG B 236 -5.72 8.98 2.03
CA ARG B 236 -5.75 7.52 2.16
C ARG B 236 -4.36 6.94 2.34
N ALA B 237 -3.40 7.39 1.52
CA ALA B 237 -2.04 6.88 1.61
C ALA B 237 -1.45 7.18 2.98
N ALA B 238 -1.69 8.38 3.51
CA ALA B 238 -1.20 8.71 4.85
C ALA B 238 -1.81 7.77 5.88
N LEU B 239 -3.14 7.56 5.80
CA LEU B 239 -3.81 6.68 6.74
C LEU B 239 -3.28 5.23 6.66
N ILE B 240 -3.02 4.75 5.46
CA ILE B 240 -2.45 3.41 5.31
C ILE B 240 -1.10 3.33 6.05
N THR B 241 -0.28 4.37 5.90
N THR B 241 -0.26 4.36 5.89
CA THR B 241 1.04 4.42 6.54
CA THR B 241 1.06 4.37 6.54
C THR B 241 0.92 4.39 8.05
C THR B 241 0.91 4.38 8.07
N ARG B 242 0.01 5.19 8.58
CA ARG B 242 -0.25 5.24 10.03
C ARG B 242 -0.83 3.90 10.49
N GLY B 243 -1.66 3.30 9.64
CA GLY B 243 -2.20 1.98 9.92
C GLY B 243 -1.09 0.94 10.14
N LEU B 244 -0.14 0.86 9.22
CA LEU B 244 0.93 -0.13 9.35
C LEU B 244 1.72 0.14 10.64
N THR B 245 1.87 1.39 11.02
CA THR B 245 2.56 1.70 12.29
C THR B 245 1.87 1.05 13.48
N GLU B 246 0.55 1.21 13.61
CA GLU B 246 -0.12 0.62 14.78
C GLU B 246 -0.17 -0.93 14.69
N MET B 247 -0.29 -1.45 13.47
CA MET B 247 -0.24 -2.89 13.25
C MET B 247 1.10 -3.35 13.78
N GLY B 248 2.15 -2.58 13.45
CA GLY B 248 3.51 -2.89 13.85
C GLY B 248 3.69 -2.92 15.36
N ARG B 249 3.10 -1.96 16.02
CA ARG B 249 3.16 -1.89 17.47
C ARG B 249 2.52 -3.15 18.10
N LEU B 250 1.36 -3.53 17.61
CA LEU B 250 0.64 -4.70 18.12
C LEU B 250 1.50 -5.94 17.95
N VAL B 251 2.07 -6.10 16.76
CA VAL B 251 2.95 -7.22 16.41
C VAL B 251 4.15 -7.30 17.37
N SER B 252 4.81 -6.17 17.62
CA SER B 252 5.98 -6.18 18.47
C SER B 252 5.65 -6.58 19.92
N VAL B 253 4.57 -6.02 20.47
CA VAL B 253 4.18 -6.34 21.84
C VAL B 253 3.95 -7.85 22.07
N PHE B 254 3.40 -8.53 21.07
CA PHE B 254 3.11 -9.99 21.19
C PHE B 254 4.19 -10.94 20.68
N GLY B 255 5.30 -10.41 20.21
CA GLY B 255 6.39 -11.25 19.72
C GLY B 255 6.37 -11.64 18.26
N GLY B 256 5.66 -10.88 17.43
CA GLY B 256 5.66 -11.12 16.00
C GLY B 256 6.93 -10.52 15.42
N LYS B 257 7.13 -10.69 14.12
CA LYS B 257 8.36 -10.20 13.49
C LYS B 257 8.05 -9.07 12.52
N GLN B 258 8.87 -8.04 12.56
CA GLN B 258 8.67 -6.88 11.68
C GLN B 258 8.76 -7.26 10.19
N GLU B 259 9.42 -8.37 9.90
CA GLU B 259 9.50 -8.89 8.54
C GLU B 259 8.13 -9.31 8.02
N THR B 260 7.26 -9.73 8.93
CA THR B 260 5.91 -10.14 8.55
C THR B 260 5.15 -8.88 8.15
N LEU B 261 5.39 -7.81 8.90
CA LEU B 261 4.74 -6.54 8.68
C LEU B 261 4.88 -6.02 7.27
N THR B 262 6.07 -6.12 6.70
CA THR B 262 6.30 -5.65 5.36
C THR B 262 6.09 -6.73 4.29
N GLY B 263 5.55 -7.88 4.69
CA GLY B 263 5.33 -8.99 3.77
C GLY B 263 3.89 -9.06 3.32
N LEU B 264 3.54 -10.20 2.73
CA LEU B 264 2.21 -10.41 2.19
C LEU B 264 1.09 -10.32 3.21
N ALA B 265 1.32 -10.86 4.41
CA ALA B 265 0.30 -10.91 5.47
C ALA B 265 0.09 -9.57 6.15
N GLY B 266 1.07 -8.69 6.05
CA GLY B 266 0.95 -7.36 6.62
C GLY B 266 0.66 -6.39 5.51
N LEU B 267 1.71 -5.73 5.04
CA LEU B 267 1.62 -4.75 3.94
C LEU B 267 0.81 -5.22 2.73
N GLY B 268 1.05 -6.44 2.26
CA GLY B 268 0.32 -6.93 1.08
C GLY B 268 -1.20 -6.88 1.22
N ASP B 269 -1.69 -7.52 2.26
CA ASP B 269 -3.11 -7.63 2.51
C ASP B 269 -3.65 -6.27 2.87
N LEU B 270 -2.84 -5.49 3.57
CA LEU B 270 -3.29 -4.15 3.95
C LEU B 270 -3.55 -3.26 2.73
N VAL B 271 -2.61 -3.18 1.79
N VAL B 271 -2.60 -3.19 1.81
CA VAL B 271 -2.79 -2.30 0.64
CA VAL B 271 -2.74 -2.35 0.62
C VAL B 271 -3.97 -2.74 -0.24
C VAL B 271 -3.96 -2.75 -0.21
N LEU B 272 -4.13 -4.05 -0.43
CA LEU B 272 -5.25 -4.56 -1.20
C LEU B 272 -6.57 -4.18 -0.55
N THR B 273 -6.70 -4.53 0.73
CA THR B 273 -7.98 -4.35 1.44
C THR B 273 -8.37 -2.87 1.63
N CYS B 274 -7.37 -2.00 1.77
CA CYS B 274 -7.64 -0.55 1.92
C CYS B 274 -7.84 0.17 0.60
N THR B 275 -7.48 -0.42 -0.52
CA THR B 275 -7.62 0.32 -1.75
C THR B 275 -8.57 -0.22 -2.76
N ASP B 276 -8.98 -1.48 -2.66
CA ASP B 276 -9.79 -2.03 -3.70
C ASP B 276 -11.32 -1.82 -3.64
N ASN B 277 -11.94 -1.55 -4.78
N ASN B 277 -11.93 -1.57 -4.79
CA ASN B 277 -13.38 -1.41 -4.82
CA ASN B 277 -13.39 -1.44 -4.92
C ASN B 277 -14.10 -2.71 -4.46
C ASN B 277 -14.07 -2.72 -4.42
N GLN B 278 -13.43 -3.85 -4.66
CA GLN B 278 -14.00 -5.13 -4.28
C GLN B 278 -13.85 -5.45 -2.81
N SER B 279 -13.16 -4.58 -2.07
CA SER B 279 -12.98 -4.75 -0.62
C SER B 279 -14.27 -4.38 0.12
N ARG B 280 -14.91 -5.37 0.68
CA ARG B 280 -16.16 -5.15 1.39
C ARG B 280 -15.99 -4.35 2.68
N ASN B 281 -14.87 -4.50 3.39
CA ASN B 281 -14.64 -3.70 4.60
C ASN B 281 -14.43 -2.21 4.22
N ARG B 282 -13.76 -1.96 3.10
CA ARG B 282 -13.60 -0.61 2.64
C ARG B 282 -14.97 -0.09 2.26
N ARG B 283 -15.73 -0.91 1.54
CA ARG B 283 -17.07 -0.52 1.10
C ARG B 283 -17.95 -0.09 2.25
N PHE B 284 -17.87 -0.85 3.35
CA PHE B 284 -18.58 -0.55 4.56
C PHE B 284 -18.12 0.80 5.13
N GLY B 285 -16.81 1.00 5.19
CA GLY B 285 -16.28 2.26 5.68
C GLY B 285 -16.79 3.43 4.85
N LEU B 286 -16.79 3.24 3.53
CA LEU B 286 -17.23 4.24 2.60
C LEU B 286 -18.70 4.62 2.86
N ALA B 287 -19.55 3.63 3.12
CA ALA B 287 -20.95 3.92 3.44
C ALA B 287 -21.04 4.78 4.70
N LEU B 288 -20.24 4.42 5.71
CA LEU B 288 -20.25 5.17 6.96
C LEU B 288 -19.80 6.62 6.71
N GLY B 289 -18.79 6.77 5.88
CA GLY B 289 -18.29 8.09 5.53
C GLY B 289 -19.32 8.92 4.81
N GLU B 290 -20.25 8.26 4.12
CA GLU B 290 -21.31 8.96 3.41
C GLU B 290 -22.57 9.16 4.25
N GLY B 291 -22.48 8.82 5.52
CA GLY B 291 -23.57 9.03 6.46
C GLY B 291 -24.53 7.88 6.67
N VAL B 292 -24.23 6.71 6.12
CA VAL B 292 -25.12 5.57 6.29
C VAL B 292 -24.89 5.00 7.68
N ASP B 293 -25.94 4.59 8.37
CA ASP B 293 -25.73 4.07 9.72
C ASP B 293 -25.15 2.62 9.59
N LYS B 294 -24.43 2.16 10.61
CA LYS B 294 -23.76 0.86 10.52
C LYS B 294 -24.70 -0.30 10.25
N LYS B 295 -25.89 -0.27 10.84
CA LYS B 295 -26.88 -1.33 10.61
C LYS B 295 -27.28 -1.40 9.15
N GLU B 296 -27.76 -0.27 8.60
CA GLU B 296 -28.18 -0.26 7.20
C GLU B 296 -26.98 -0.60 6.29
N ALA B 297 -25.81 -0.03 6.60
CA ALA B 297 -24.60 -0.30 5.80
C ALA B 297 -24.25 -1.80 5.73
N GLN B 298 -24.36 -2.52 6.86
CA GLN B 298 -24.05 -3.97 6.83
C GLN B 298 -25.10 -4.75 6.08
N GLN B 299 -26.37 -4.43 6.32
N GLN B 299 -26.36 -4.42 6.32
CA GLN B 299 -27.46 -5.12 5.64
CA GLN B 299 -27.47 -5.09 5.67
C GLN B 299 -27.32 -4.96 4.13
C GLN B 299 -27.38 -4.94 4.15
N ALA B 300 -26.92 -3.77 3.69
CA ALA B 300 -26.78 -3.51 2.26
C ALA B 300 -25.67 -4.34 1.62
N ILE B 301 -24.62 -4.65 2.39
CA ILE B 301 -23.47 -5.42 1.87
C ILE B 301 -23.72 -6.91 1.74
N GLY B 302 -24.43 -7.49 2.71
CA GLY B 302 -24.86 -8.89 2.63
C GLY B 302 -23.94 -10.07 2.94
N GLN B 303 -22.86 -9.85 3.67
N GLN B 303 -22.87 -9.83 3.67
CA GLN B 303 -22.00 -10.99 4.03
CA GLN B 303 -21.97 -10.91 4.01
C GLN B 303 -21.52 -10.76 5.46
C GLN B 303 -21.51 -10.68 5.45
N ALA B 304 -20.24 -10.95 5.75
CA ALA B 304 -19.77 -10.74 7.09
C ALA B 304 -18.68 -9.73 7.00
N ILE B 305 -18.92 -8.56 7.56
CA ILE B 305 -17.90 -7.54 7.56
C ILE B 305 -17.05 -7.86 8.79
N GLU B 306 -16.00 -8.64 8.56
CA GLU B 306 -15.10 -9.03 9.63
C GLU B 306 -14.57 -7.82 10.33
N GLY B 307 -14.45 -6.71 9.60
CA GLY B 307 -13.93 -5.46 10.17
C GLY B 307 -14.61 -5.03 11.45
N LEU B 308 -15.93 -5.19 11.49
N LEU B 308 -15.93 -5.19 11.53
CA LEU B 308 -16.72 -4.87 12.68
CA LEU B 308 -16.64 -4.82 12.77
C LEU B 308 -16.30 -5.70 13.89
C LEU B 308 -16.20 -5.71 13.91
N TYR B 309 -16.21 -7.01 13.68
CA TYR B 309 -15.84 -7.96 14.70
C TYR B 309 -14.38 -7.78 15.11
N ASN B 310 -13.50 -7.57 14.12
CA ASN B 310 -12.08 -7.38 14.37
C ASN B 310 -11.84 -6.11 15.19
N THR B 311 -12.57 -5.04 14.87
CA THR B 311 -12.40 -3.76 15.61
C THR B 311 -12.59 -3.98 17.11
N ASP B 312 -13.70 -4.64 17.47
CA ASP B 312 -14.01 -4.92 18.87
C ASP B 312 -12.99 -5.85 19.54
N GLN B 313 -12.61 -6.92 18.84
CA GLN B 313 -11.59 -7.87 19.32
C GLN B 313 -10.27 -7.14 19.60
N VAL B 314 -9.76 -6.43 18.60
CA VAL B 314 -8.48 -5.73 18.74
C VAL B 314 -8.54 -4.60 19.73
N HIS B 315 -9.60 -3.81 19.68
CA HIS B 315 -9.74 -2.74 20.66
C HIS B 315 -9.67 -3.27 22.12
N ALA B 316 -10.31 -4.40 22.40
CA ALA B 316 -10.29 -4.98 23.75
C ALA B 316 -8.88 -5.46 24.11
N LEU B 317 -8.21 -6.10 23.17
CA LEU B 317 -6.85 -6.53 23.38
C LEU B 317 -5.96 -5.33 23.64
N ALA B 318 -6.12 -4.28 22.85
CA ALA B 318 -5.30 -3.08 23.02
C ALA B 318 -5.48 -2.45 24.40
N GLN B 319 -6.70 -2.46 24.94
N GLN B 319 -6.71 -2.46 24.93
CA GLN B 319 -6.94 -1.90 26.27
CA GLN B 319 -6.97 -1.90 26.26
C GLN B 319 -6.37 -2.82 27.35
C GLN B 319 -6.41 -2.82 27.36
N LYS B 320 -6.64 -4.12 27.22
CA LYS B 320 -6.10 -5.09 28.18
C LYS B 320 -4.59 -4.94 28.37
N HIS B 321 -3.89 -4.64 27.28
CA HIS B 321 -2.43 -4.49 27.29
C HIS B 321 -1.94 -3.06 27.15
N ALA B 322 -2.84 -2.10 27.26
CA ALA B 322 -2.50 -0.67 27.18
C ALA B 322 -1.63 -0.32 25.97
N ILE B 323 -2.08 -0.73 24.79
CA ILE B 323 -1.36 -0.46 23.54
C ILE B 323 -2.04 0.68 22.76
N GLU B 324 -1.25 1.66 22.33
N GLU B 324 -1.26 1.67 22.34
CA GLU B 324 -1.79 2.76 21.57
CA GLU B 324 -1.79 2.80 21.58
C GLU B 324 -2.10 2.30 20.14
C GLU B 324 -2.08 2.38 20.12
N MET B 325 -3.34 2.50 19.71
CA MET B 325 -3.75 2.13 18.35
C MET B 325 -4.85 3.08 17.95
N PRO B 326 -4.45 4.29 17.52
CA PRO B 326 -5.38 5.37 17.25
C PRO B 326 -6.41 5.12 16.17
N LEU B 327 -6.02 4.53 15.04
CA LEU B 327 -7.02 4.27 14.01
C LEU B 327 -8.07 3.32 14.55
N THR B 328 -7.61 2.24 15.18
CA THR B 328 -8.51 1.25 15.72
C THR B 328 -9.43 1.88 16.76
N PHE B 329 -8.89 2.72 17.61
CA PHE B 329 -9.72 3.37 18.62
C PHE B 329 -10.78 4.29 18.01
N GLN B 330 -10.43 5.03 16.96
CA GLN B 330 -11.41 5.91 16.34
C GLN B 330 -12.54 5.11 15.70
N VAL B 331 -12.21 4.02 15.03
CA VAL B 331 -13.22 3.19 14.40
C VAL B 331 -14.16 2.65 15.46
N HIS B 332 -13.60 2.20 16.57
CA HIS B 332 -14.41 1.67 17.63
C HIS B 332 -15.38 2.77 18.14
N ARG B 333 -14.90 4.01 18.25
N ARG B 333 -14.89 4.01 18.24
CA ARG B 333 -15.76 5.11 18.70
CA ARG B 333 -15.72 5.12 18.70
C ARG B 333 -16.87 5.36 17.69
C ARG B 333 -16.84 5.42 17.70
N ILE B 334 -16.53 5.27 16.41
CA ILE B 334 -17.52 5.48 15.38
C ILE B 334 -18.64 4.44 15.47
N LEU B 335 -18.29 3.19 15.76
CA LEU B 335 -19.25 2.12 15.83
C LEU B 335 -20.05 2.05 17.13
N HIS B 336 -19.44 2.41 18.26
CA HIS B 336 -20.08 2.26 19.55
C HIS B 336 -20.41 3.55 20.31
N GLU B 337 -19.85 4.70 19.90
CA GLU B 337 -20.11 5.94 20.60
C GLU B 337 -20.66 7.04 19.72
N ASP B 338 -21.20 6.67 18.58
N ASP B 338 -21.17 6.64 18.57
CA ASP B 338 -21.79 7.65 17.66
CA ASP B 338 -21.76 7.57 17.60
C ASP B 338 -20.84 8.79 17.27
C ASP B 338 -20.86 8.75 17.25
N LEU B 339 -19.54 8.55 17.30
CA LEU B 339 -18.59 9.59 16.91
C LEU B 339 -18.82 9.95 15.42
N ASP B 340 -18.86 11.25 15.12
CA ASP B 340 -19.07 11.71 13.75
C ASP B 340 -17.89 11.32 12.84
N PRO B 341 -18.16 10.62 11.71
CA PRO B 341 -17.04 10.20 10.85
C PRO B 341 -16.07 11.31 10.46
N GLN B 342 -16.59 12.44 10.03
CA GLN B 342 -15.75 13.56 9.63
C GLN B 342 -14.81 13.95 10.79
N GLN B 343 -15.41 14.17 11.96
CA GLN B 343 -14.63 14.52 13.13
C GLN B 343 -13.57 13.47 13.44
N ALA B 344 -13.97 12.20 13.36
CA ALA B 344 -13.04 11.11 13.64
C ALA B 344 -11.77 11.15 12.79
N VAL B 345 -11.95 11.30 11.47
CA VAL B 345 -10.82 11.28 10.57
C VAL B 345 -9.99 12.54 10.75
N GLN B 346 -10.65 13.65 10.98
CA GLN B 346 -9.93 14.89 11.15
C GLN B 346 -8.99 14.81 12.36
N GLU B 347 -9.46 14.25 13.47
CA GLU B 347 -8.62 14.09 14.67
C GLU B 347 -7.38 13.23 14.38
N LEU B 348 -7.54 12.24 13.51
CA LEU B 348 -6.46 11.32 13.18
C LEU B 348 -5.36 11.93 12.33
N LEU B 349 -5.76 12.70 11.32
CA LEU B 349 -4.79 13.31 10.42
C LEU B 349 -4.10 14.52 11.06
N GLU B 350 -4.82 15.21 11.94
CA GLU B 350 -4.29 16.42 12.56
C GLU B 350 -3.79 16.24 14.00
N ARG B 351 -2.49 15.98 14.17
CA ARG B 351 -1.93 15.86 15.53
C ARG B 351 -1.29 17.17 16.01
#